data_5W71
#
_entry.id   5W71
#
_cell.length_a   69.400
_cell.length_b   74.800
_cell.length_c   180.100
_cell.angle_alpha   90.00
_cell.angle_beta   90.00
_cell.angle_gamma   90.00
#
_symmetry.space_group_name_H-M   'P 21 21 21'
#
loop_
_entity.id
_entity.type
_entity.pdbx_description
1 polymer 'L-glutamine:2-deoxy-scyllo-inosose aminotransferase'
2 non-polymer "PYRIDOXAL-5'-PHOSPHATE"
3 non-polymer '[4-({[(1R,2S,3S,4R,5S)-5-amino-2,3,4-trihydroxycyclohexyl]amino}methyl)-5-hydroxy-6-methylpyridin-3-yl]methyl dihydrogen phosphate'
4 non-polymer 'CHLORIDE ION'
5 water water
#
_entity_poly.entity_id   1
_entity_poly.type   'polypeptide(L)'
_entity_poly.pdbx_seq_one_letter_code
;MGSSHHHHHHSSENLYFQGGGHMTIPFDHWPEWPQHSDRTRRKIEEVFQSNRWAISGYWTGEESMERKFAKAFADFNGVP
YCVPTTSGSTALMLALEALGIGEGDEVIVPSLTWIATATAVLNVNALPVFVDVEADTYCIDPQLIKSAITDKTKAIIPVH
LFGSMANMDEINEIAQEHNLFVIEDCAQSHGSVWNNQRAGTIGDIGAFSCQQGKVLTAGEGGIIVTKNPRLFELIQQLRA
DSRVYCDDSSELMHGDMQLVKKGDIQGSNYCLSEFQSAILLDQLQELDDKNAIREKNAMFLNDALSKIDGIKVMKRPPQV
SRQTYYGYVFRFDPVKFGGLNADQFCEILREKLNMGTFYLHPPYLPVHKNPLFCPWTKNRYLKSVRKTEAYWRGLHYPVS
ERASGQSIVIHHAILLAEPSHLSLLVDAVAELARKFCVTH
;
_entity_poly.pdbx_strand_id   A,B
#
loop_
_chem_comp.id
_chem_comp.type
_chem_comp.name
_chem_comp.formula
9YM non-polymer '[4-({[(1R,2S,3S,4R,5S)-5-amino-2,3,4-trihydroxycyclohexyl]amino}methyl)-5-hydroxy-6-methylpyridin-3-yl]methyl dihydrogen phosphate' 'C14 H24 N3 O8 P'
CL non-polymer 'CHLORIDE ION' 'Cl -1'
PLP non-polymer PYRIDOXAL-5'-PHOSPHATE 'C8 H10 N O6 P'
#
# COMPACT_ATOMS: atom_id res chain seq x y z
N ILE A 25 -25.90 -25.06 21.92
CA ILE A 25 -26.20 -23.64 21.54
C ILE A 25 -27.31 -23.56 20.44
N PRO A 26 -28.50 -23.02 20.80
CA PRO A 26 -29.51 -22.82 19.77
C PRO A 26 -29.07 -21.72 18.80
N PHE A 27 -29.49 -21.80 17.54
CA PHE A 27 -29.18 -20.78 16.57
C PHE A 27 -29.82 -19.42 16.91
N ASP A 28 -29.01 -18.38 16.93
CA ASP A 28 -29.52 -17.01 17.01
C ASP A 28 -29.22 -16.17 15.76
N HIS A 29 -27.99 -16.31 15.24
CA HIS A 29 -27.50 -15.52 14.11
C HIS A 29 -26.29 -16.22 13.51
N TRP A 30 -26.07 -16.00 12.24
CA TRP A 30 -24.84 -16.46 11.59
C TRP A 30 -23.67 -15.62 12.09
N PRO A 31 -22.51 -16.28 12.32
CA PRO A 31 -21.35 -15.48 12.71
C PRO A 31 -20.98 -14.44 11.66
N GLU A 32 -20.49 -13.31 12.14
CA GLU A 32 -20.01 -12.23 11.26
C GLU A 32 -18.49 -12.09 11.33
N TRP A 33 -17.92 -11.31 10.43
CA TRP A 33 -16.47 -11.14 10.30
C TRP A 33 -16.21 -9.67 9.90
N PRO A 34 -15.20 -8.98 10.46
CA PRO A 34 -14.19 -9.52 11.36
C PRO A 34 -14.68 -9.68 12.82
N GLN A 35 -13.75 -10.04 13.71
CA GLN A 35 -14.04 -10.36 15.12
C GLN A 35 -12.89 -9.83 15.98
N HIS A 36 -13.19 -8.94 16.90
CA HIS A 36 -12.17 -8.37 17.76
C HIS A 36 -12.46 -8.69 19.23
N SER A 37 -11.55 -8.30 20.11
CA SER A 37 -11.75 -8.40 21.54
C SER A 37 -11.04 -7.22 22.14
N ASP A 38 -11.06 -7.16 23.47
CA ASP A 38 -10.26 -6.20 24.15
C ASP A 38 -8.76 -6.41 23.99
N ARG A 39 -8.30 -7.60 23.64
CA ARG A 39 -6.86 -7.76 23.31
C ARG A 39 -6.47 -6.92 22.07
N THR A 40 -7.41 -6.81 21.12
CA THR A 40 -7.24 -5.96 19.95
C THR A 40 -7.07 -4.51 20.37
N ARG A 41 -7.96 -4.03 21.21
CA ARG A 41 -7.86 -2.68 21.76
C ARG A 41 -6.55 -2.40 22.45
N ARG A 42 -6.12 -3.30 23.29
CA ARG A 42 -4.86 -3.15 23.95
C ARG A 42 -3.70 -3.10 22.98
N LYS A 43 -3.74 -3.87 21.90
CA LYS A 43 -2.68 -3.79 20.89
C LYS A 43 -2.59 -2.40 20.24
N ILE A 44 -3.72 -1.80 19.98
CA ILE A 44 -3.76 -0.41 19.51
C ILE A 44 -3.20 0.58 20.56
N GLU A 45 -3.54 0.35 21.82
CA GLU A 45 -3.05 1.19 22.91
C GLU A 45 -1.53 1.15 23.00
N GLU A 46 -0.95 -0.04 22.84
CA GLU A 46 0.51 -0.21 22.87
C GLU A 46 1.19 0.61 21.77
N VAL A 47 0.56 0.73 20.61
CA VAL A 47 1.08 1.55 19.52
C VAL A 47 1.10 3.04 19.97
N PHE A 48 -0.02 3.52 20.52
CA PHE A 48 -0.06 4.87 21.13
C PHE A 48 0.97 5.05 22.22
N GLN A 49 1.05 4.10 23.15
CA GLN A 49 2.09 4.14 24.20
C GLN A 49 3.51 4.23 23.63
N SER A 50 3.78 3.54 22.54
CA SER A 50 5.09 3.53 21.89
C SER A 50 5.48 4.85 21.25
N ASN A 51 4.50 5.63 20.80
CA ASN A 51 4.72 6.85 20.02
C ASN A 51 5.44 6.64 18.66
N ARG A 52 5.30 5.43 18.14
CA ARG A 52 5.85 5.03 16.86
C ARG A 52 4.67 4.40 16.13
N TRP A 53 4.24 5.05 15.05
CA TRP A 53 3.13 4.63 14.18
C TRP A 53 3.57 4.06 12.83
N ALA A 54 4.81 4.29 12.42
CA ALA A 54 5.40 3.77 11.17
C ALA A 54 6.74 3.19 11.48
N ILE A 55 7.14 2.20 10.68
CA ILE A 55 8.49 1.66 10.77
C ILE A 55 9.51 2.72 10.29
N SER A 56 9.05 3.73 9.57
CA SER A 56 9.88 4.89 9.15
C SER A 56 9.92 6.02 10.18
N GLY A 57 9.30 5.79 11.34
CA GLY A 57 9.38 6.69 12.50
C GLY A 57 10.65 6.53 13.31
N TYR A 58 10.78 7.35 14.36
CA TYR A 58 11.98 7.33 15.18
C TYR A 58 11.90 6.21 16.21
N TRP A 59 13.08 5.69 16.57
CA TRP A 59 13.23 4.65 17.62
C TRP A 59 12.77 5.19 18.98
N THR A 60 11.86 4.47 19.65
CA THR A 60 11.39 4.91 21.00
C THR A 60 11.70 3.89 22.10
N GLY A 61 12.75 3.09 21.90
CA GLY A 61 13.28 2.22 22.92
C GLY A 61 12.97 0.75 22.79
N GLU A 62 11.94 0.42 22.01
CA GLU A 62 11.59 -0.95 21.72
C GLU A 62 11.37 -1.15 20.23
N GLU A 63 11.40 -2.43 19.84
CA GLU A 63 11.27 -2.82 18.47
C GLU A 63 9.85 -2.49 18.01
N SER A 64 9.72 -2.25 16.71
CA SER A 64 8.41 -1.99 16.11
C SER A 64 7.42 -3.15 16.29
N MET A 65 6.13 -2.81 16.26
CA MET A 65 5.06 -3.80 16.03
C MET A 65 5.28 -4.64 14.81
N GLU A 66 5.78 -3.98 13.75
CA GLU A 66 6.12 -4.67 12.53
C GLU A 66 7.00 -5.84 12.82
N ARG A 67 8.06 -5.60 13.58
CA ARG A 67 9.06 -6.63 13.82
C ARG A 67 8.54 -7.67 14.76
N LYS A 68 7.84 -7.21 15.78
CA LYS A 68 7.19 -8.16 16.68
C LYS A 68 6.25 -9.10 15.90
N PHE A 69 5.50 -8.52 14.96
CA PHE A 69 4.55 -9.30 14.18
C PHE A 69 5.24 -10.25 13.24
N ALA A 70 6.20 -9.72 12.47
CA ALA A 70 7.09 -10.52 11.60
C ALA A 70 7.66 -11.75 12.30
N LYS A 71 8.21 -11.54 13.50
CA LYS A 71 8.78 -12.63 14.26
C LYS A 71 7.73 -13.64 14.67
N ALA A 72 6.58 -13.14 15.09
CA ALA A 72 5.46 -14.00 15.43
C ALA A 72 4.96 -14.81 14.19
N PHE A 73 4.83 -14.15 13.05
CA PHE A 73 4.37 -14.86 11.88
C PHE A 73 5.42 -15.85 11.41
N ALA A 74 6.69 -15.49 11.57
CA ALA A 74 7.77 -16.40 11.17
C ALA A 74 7.68 -17.68 11.91
N ASP A 75 7.49 -17.58 13.23
CA ASP A 75 7.40 -18.76 14.09
C ASP A 75 6.15 -19.60 13.75
N PHE A 76 5.01 -18.93 13.61
CA PHE A 76 3.76 -19.58 13.20
C PHE A 76 3.92 -20.35 11.90
N ASN A 77 4.70 -19.82 10.97
CA ASN A 77 4.84 -20.46 9.69
C ASN A 77 6.01 -21.40 9.56
N GLY A 78 6.79 -21.51 10.62
CA GLY A 78 8.03 -22.28 10.58
C GLY A 78 9.02 -21.81 9.52
N VAL A 79 9.04 -20.51 9.25
CA VAL A 79 9.82 -19.94 8.13
C VAL A 79 10.82 -18.94 8.66
N PRO A 80 12.06 -18.90 8.08
CA PRO A 80 13.09 -18.04 8.62
C PRO A 80 12.80 -16.57 8.52
N TYR A 81 12.31 -16.14 7.37
CA TYR A 81 12.18 -14.69 7.09
C TYR A 81 10.73 -14.27 6.85
N CYS A 82 10.37 -13.13 7.41
CA CYS A 82 9.03 -12.56 7.23
C CYS A 82 9.13 -11.04 7.10
N VAL A 83 8.42 -10.49 6.13
CA VAL A 83 8.36 -9.04 5.96
C VAL A 83 6.92 -8.61 5.71
N PRO A 84 6.35 -7.86 6.65
CA PRO A 84 5.01 -7.41 6.34
C PRO A 84 5.02 -6.33 5.33
N THR A 85 3.89 -6.17 4.64
CA THR A 85 3.71 -5.10 3.72
C THR A 85 2.24 -4.67 3.79
N THR A 86 1.79 -3.93 2.77
CA THR A 86 0.52 -3.22 2.75
C THR A 86 -0.73 -4.02 2.26
N SER A 87 -0.55 -5.02 1.40
CA SER A 87 -1.68 -5.80 0.81
C SER A 87 -1.18 -7.09 0.20
N GLY A 88 -2.07 -8.06 0.02
CA GLY A 88 -1.78 -9.26 -0.78
C GLY A 88 -1.23 -9.00 -2.18
N SER A 89 -1.84 -8.04 -2.86
CA SER A 89 -1.47 -7.66 -4.22
C SER A 89 -0.05 -7.12 -4.25
N THR A 90 0.29 -6.25 -3.30
CA THR A 90 1.66 -5.73 -3.24
C THR A 90 2.60 -6.85 -2.81
N ALA A 91 2.19 -7.69 -1.87
CA ALA A 91 3.04 -8.84 -1.51
C ALA A 91 3.48 -9.65 -2.76
N LEU A 92 2.53 -9.95 -3.65
CA LEU A 92 2.81 -10.64 -4.87
C LEU A 92 3.75 -9.83 -5.77
N MET A 93 3.43 -8.56 -5.97
CA MET A 93 4.26 -7.68 -6.79
C MET A 93 5.74 -7.62 -6.29
N LEU A 94 5.93 -7.36 -5.01
CA LEU A 94 7.24 -7.31 -4.43
C LEU A 94 7.96 -8.67 -4.49
N ALA A 95 7.25 -9.80 -4.39
CA ALA A 95 7.91 -11.11 -4.50
C ALA A 95 8.49 -11.29 -5.91
N LEU A 96 7.73 -10.82 -6.90
CA LEU A 96 8.16 -10.89 -8.30
C LEU A 96 9.40 -10.03 -8.57
N GLU A 97 9.36 -8.79 -8.11
CA GLU A 97 10.52 -7.89 -8.17
C GLU A 97 11.78 -8.50 -7.53
N ALA A 98 11.59 -9.08 -6.35
CA ALA A 98 12.70 -9.69 -5.62
C ALA A 98 13.35 -10.86 -6.31
N LEU A 99 12.62 -11.57 -7.15
CA LEU A 99 13.17 -12.61 -8.00
C LEU A 99 13.64 -12.09 -9.37
N GLY A 100 13.67 -10.78 -9.56
CA GLY A 100 14.24 -10.17 -10.77
C GLY A 100 13.33 -10.34 -11.99
N ILE A 101 12.05 -10.49 -11.75
CA ILE A 101 11.09 -10.61 -12.85
C ILE A 101 10.75 -9.23 -13.39
N GLY A 102 10.73 -9.11 -14.71
CA GLY A 102 10.36 -7.86 -15.37
C GLY A 102 10.06 -7.99 -16.85
N GLU A 103 10.41 -6.94 -17.61
CA GLU A 103 10.03 -6.86 -19.02
C GLU A 103 10.57 -8.04 -19.80
N GLY A 104 9.70 -8.55 -20.64
CA GLY A 104 9.99 -9.72 -21.43
C GLY A 104 9.73 -11.05 -20.78
N ASP A 105 9.33 -11.06 -19.51
CA ASP A 105 9.11 -12.32 -18.78
C ASP A 105 7.66 -12.72 -18.79
N GLU A 106 7.48 -14.02 -18.57
CA GLU A 106 6.18 -14.59 -18.36
C GLU A 106 6.10 -15.23 -17.00
N VAL A 107 4.91 -15.16 -16.45
CA VAL A 107 4.61 -15.82 -15.21
C VAL A 107 3.32 -16.58 -15.36
N ILE A 108 3.38 -17.88 -15.06
CA ILE A 108 2.20 -18.76 -15.10
C ILE A 108 1.33 -18.60 -13.88
N VAL A 109 0.02 -18.45 -14.11
CA VAL A 109 -0.97 -18.33 -13.03
C VAL A 109 -2.25 -19.12 -13.37
N PRO A 110 -3.04 -19.45 -12.33
CA PRO A 110 -4.28 -20.14 -12.64
C PRO A 110 -5.32 -19.17 -13.15
N SER A 111 -6.21 -19.65 -14.01
CA SER A 111 -7.33 -18.81 -14.48
C SER A 111 -8.31 -18.49 -13.44
N LEU A 112 -8.47 -19.38 -12.47
CA LEU A 112 -9.47 -19.18 -11.45
C LEU A 112 -8.80 -18.74 -10.17
N THR A 113 -8.95 -17.45 -9.91
CA THR A 113 -8.43 -16.79 -8.75
C THR A 113 -8.95 -15.38 -8.79
N TRP A 114 -8.60 -14.61 -7.76
CA TRP A 114 -8.91 -13.20 -7.73
C TRP A 114 -7.95 -12.53 -8.68
N ILE A 115 -8.37 -11.39 -9.24
CA ILE A 115 -7.62 -10.76 -10.32
C ILE A 115 -6.22 -10.30 -9.95
N ALA A 116 -6.02 -9.94 -8.68
CA ALA A 116 -4.68 -9.54 -8.21
C ALA A 116 -3.54 -10.53 -8.49
N THR A 117 -3.86 -11.80 -8.60
CA THR A 117 -2.84 -12.77 -8.89
C THR A 117 -2.21 -12.49 -10.28
N ALA A 118 -3.03 -12.05 -11.23
CA ALA A 118 -2.57 -11.72 -12.57
C ALA A 118 -2.07 -10.29 -12.69
N THR A 119 -2.78 -9.35 -12.08
CA THR A 119 -2.45 -7.93 -12.22
C THR A 119 -1.17 -7.55 -11.54
N ALA A 120 -0.79 -8.32 -10.52
CA ALA A 120 0.52 -8.15 -9.88
C ALA A 120 1.68 -8.42 -10.87
N VAL A 121 1.44 -9.33 -11.83
CA VAL A 121 2.39 -9.70 -12.83
C VAL A 121 2.53 -8.56 -13.87
N LEU A 122 1.39 -8.09 -14.37
CA LEU A 122 1.36 -6.91 -15.26
C LEU A 122 2.02 -5.67 -14.60
N ASN A 123 1.85 -5.57 -13.30
CA ASN A 123 2.50 -4.47 -12.53
C ASN A 123 4.02 -4.44 -12.62
N VAL A 124 4.66 -5.61 -12.71
CA VAL A 124 6.09 -5.61 -12.90
C VAL A 124 6.51 -5.72 -14.37
N ASN A 125 5.59 -5.43 -15.30
CA ASN A 125 5.86 -5.45 -16.73
C ASN A 125 6.06 -6.83 -17.33
N ALA A 126 5.59 -7.85 -16.62
CA ALA A 126 5.61 -9.21 -17.17
C ALA A 126 4.20 -9.59 -17.68
N LEU A 127 4.10 -10.70 -18.44
CA LEU A 127 2.84 -11.21 -18.99
C LEU A 127 2.35 -12.37 -18.16
N PRO A 128 1.16 -12.23 -17.56
CA PRO A 128 0.56 -13.40 -16.93
C PRO A 128 0.05 -14.39 -18.03
N VAL A 129 0.30 -15.68 -17.79
CA VAL A 129 -0.09 -16.75 -18.69
C VAL A 129 -0.93 -17.72 -17.87
N PHE A 130 -2.20 -17.81 -18.25
CA PHE A 130 -3.19 -18.58 -17.56
C PHE A 130 -3.12 -20.06 -17.86
N VAL A 131 -3.32 -20.85 -16.82
CA VAL A 131 -3.46 -22.28 -16.94
C VAL A 131 -4.71 -22.65 -16.18
N ASP A 132 -5.43 -23.63 -16.70
CA ASP A 132 -6.70 -24.07 -16.11
C ASP A 132 -6.46 -24.74 -14.76
N VAL A 133 -7.54 -24.88 -13.99
CA VAL A 133 -7.49 -25.54 -12.71
C VAL A 133 -8.05 -26.96 -12.75
N GLU A 134 -7.73 -27.73 -11.70
CA GLU A 134 -8.22 -29.09 -11.53
C GLU A 134 -9.67 -29.07 -11.08
N ALA A 135 -10.46 -29.97 -11.66
CA ALA A 135 -11.91 -30.01 -11.45
C ALA A 135 -12.29 -30.18 -9.97
N ASP A 136 -11.52 -30.97 -9.25
CA ASP A 136 -11.89 -31.33 -7.90
C ASP A 136 -11.08 -30.63 -6.82
N THR A 137 -10.19 -29.73 -7.21
CA THR A 137 -9.52 -28.82 -6.23
C THR A 137 -9.62 -27.33 -6.52
N TYR A 138 -9.94 -27.00 -7.78
CA TYR A 138 -9.87 -25.64 -8.34
C TYR A 138 -8.52 -24.95 -8.16
N CYS A 139 -7.45 -25.72 -7.98
CA CYS A 139 -6.12 -25.17 -7.95
C CYS A 139 -5.44 -25.52 -9.28
N ILE A 140 -4.43 -24.73 -9.61
CA ILE A 140 -3.74 -24.88 -10.88
C ILE A 140 -3.38 -26.33 -11.20
N ASP A 141 -3.74 -26.76 -12.41
CA ASP A 141 -3.53 -28.13 -12.82
C ASP A 141 -2.09 -28.36 -13.24
N PRO A 142 -1.33 -29.08 -12.40
CA PRO A 142 0.09 -29.21 -12.74
C PRO A 142 0.32 -29.86 -14.10
N GLN A 143 -0.60 -30.73 -14.54
CA GLN A 143 -0.49 -31.43 -15.82
C GLN A 143 -0.65 -30.51 -16.98
N LEU A 144 -1.14 -29.29 -16.76
CA LEU A 144 -1.27 -28.31 -17.80
C LEU A 144 -0.19 -27.25 -17.76
N ILE A 145 0.73 -27.29 -16.79
CA ILE A 145 1.73 -26.24 -16.67
C ILE A 145 2.85 -26.32 -17.71
N LYS A 146 3.34 -27.54 -17.97
CA LYS A 146 4.40 -27.81 -18.95
C LYS A 146 4.07 -27.23 -20.28
N SER A 147 2.85 -27.44 -20.75
CA SER A 147 2.44 -26.90 -22.04
C SER A 147 2.47 -25.40 -22.12
N ALA A 148 2.25 -24.67 -21.03
CA ALA A 148 2.31 -23.21 -21.07
C ALA A 148 3.71 -22.64 -20.92
N ILE A 149 4.72 -23.47 -20.73
CA ILE A 149 6.06 -22.99 -20.46
C ILE A 149 6.69 -22.59 -21.78
N THR A 150 7.25 -21.38 -21.84
CA THR A 150 7.99 -20.92 -23.03
C THR A 150 9.39 -20.47 -22.57
N ASP A 151 10.20 -19.90 -23.46
CA ASP A 151 11.52 -19.39 -23.08
C ASP A 151 11.44 -18.17 -22.19
N LYS A 152 10.33 -17.46 -22.24
CA LYS A 152 10.12 -16.32 -21.40
C LYS A 152 9.70 -16.62 -19.96
N THR A 153 9.28 -17.86 -19.70
CA THR A 153 8.74 -18.18 -18.42
C THR A 153 9.82 -18.18 -17.35
N LYS A 154 9.56 -17.44 -16.27
CA LYS A 154 10.46 -17.38 -15.10
C LYS A 154 9.85 -17.84 -13.78
N ALA A 155 8.53 -17.91 -13.69
CA ALA A 155 7.90 -18.33 -12.44
C ALA A 155 6.47 -18.86 -12.61
N ILE A 156 6.03 -19.59 -11.61
CA ILE A 156 4.64 -20.00 -11.46
C ILE A 156 4.10 -19.42 -10.11
N ILE A 157 2.87 -18.96 -10.14
CA ILE A 157 2.18 -18.51 -8.94
C ILE A 157 0.97 -19.41 -8.66
N PRO A 158 1.21 -20.59 -8.04
CA PRO A 158 0.06 -21.32 -7.57
C PRO A 158 -0.71 -20.57 -6.50
N VAL A 159 -2.04 -20.72 -6.52
CA VAL A 159 -2.93 -20.17 -5.52
C VAL A 159 -3.53 -21.31 -4.73
N HIS A 160 -3.45 -21.22 -3.43
CA HIS A 160 -4.12 -22.18 -2.57
C HIS A 160 -5.53 -21.66 -2.36
N LEU A 161 -6.40 -22.00 -3.32
CA LEU A 161 -7.68 -21.34 -3.45
C LEU A 161 -8.79 -21.88 -2.54
N PHE A 162 -9.46 -20.95 -1.88
CA PHE A 162 -10.61 -21.21 -0.99
C PHE A 162 -10.30 -22.08 0.27
N GLY A 163 -10.30 -23.38 0.09
CA GLY A 163 -9.94 -24.37 1.09
C GLY A 163 -9.29 -25.62 0.48
N SER A 164 -8.43 -25.40 -0.49
CA SER A 164 -7.54 -26.42 -0.96
C SER A 164 -6.11 -25.79 -1.12
N MET A 165 -5.16 -26.67 -1.35
CA MET A 165 -3.82 -26.35 -1.66
C MET A 165 -3.53 -26.88 -3.06
N ALA A 166 -2.87 -26.07 -3.87
CA ALA A 166 -2.20 -26.54 -5.05
C ALA A 166 -1.20 -27.62 -4.75
N ASN A 167 -0.97 -28.46 -5.74
CA ASN A 167 -0.11 -29.59 -5.56
C ASN A 167 1.37 -29.25 -5.64
N MET A 168 1.96 -28.99 -4.48
CA MET A 168 3.28 -28.40 -4.39
C MET A 168 4.32 -29.46 -4.68
N ASP A 169 3.99 -30.73 -4.49
CA ASP A 169 4.91 -31.78 -4.95
C ASP A 169 5.14 -31.65 -6.45
N GLU A 170 4.07 -31.72 -7.21
CA GLU A 170 4.18 -31.65 -8.67
C GLU A 170 4.70 -30.30 -9.19
N ILE A 171 4.19 -29.23 -8.62
CA ILE A 171 4.59 -27.90 -9.02
C ILE A 171 6.10 -27.70 -8.77
N ASN A 172 6.59 -28.11 -7.61
CA ASN A 172 8.03 -27.99 -7.35
C ASN A 172 8.88 -28.87 -8.25
N GLU A 173 8.36 -30.02 -8.66
CA GLU A 173 9.12 -30.87 -9.58
C GLU A 173 9.23 -30.21 -10.94
N ILE A 174 8.14 -29.65 -11.41
CA ILE A 174 8.13 -28.93 -12.70
C ILE A 174 9.01 -27.70 -12.58
N ALA A 175 8.89 -26.97 -11.48
CA ALA A 175 9.71 -25.77 -11.28
C ALA A 175 11.23 -26.04 -11.31
N GLN A 176 11.65 -27.10 -10.64
CA GLN A 176 13.05 -27.54 -10.72
C GLN A 176 13.50 -27.94 -12.11
N GLU A 177 12.70 -28.75 -12.80
CA GLU A 177 13.04 -29.21 -14.13
C GLU A 177 13.18 -28.02 -15.09
N HIS A 178 12.34 -26.99 -14.93
CA HIS A 178 12.39 -25.86 -15.88
C HIS A 178 13.02 -24.58 -15.34
N ASN A 179 13.78 -24.68 -14.25
CA ASN A 179 14.44 -23.49 -13.68
C ASN A 179 13.48 -22.32 -13.51
N LEU A 180 12.33 -22.61 -12.92
CA LEU A 180 11.32 -21.58 -12.63
C LEU A 180 11.25 -21.38 -11.17
N PHE A 181 11.03 -20.14 -10.76
CA PHE A 181 10.65 -19.80 -9.37
C PHE A 181 9.20 -20.11 -9.11
N VAL A 182 8.85 -20.26 -7.82
CA VAL A 182 7.49 -20.56 -7.36
C VAL A 182 7.17 -19.54 -6.27
N ILE A 183 6.11 -18.77 -6.46
CA ILE A 183 5.59 -17.82 -5.44
C ILE A 183 4.26 -18.37 -5.06
N GLU A 184 4.08 -18.79 -3.82
CA GLU A 184 2.77 -19.30 -3.37
C GLU A 184 1.86 -18.14 -2.98
N ASP A 185 0.72 -18.00 -3.65
CA ASP A 185 -0.30 -17.02 -3.26
C ASP A 185 -1.17 -17.66 -2.18
N CYS A 186 -0.86 -17.28 -0.94
CA CYS A 186 -1.47 -17.81 0.26
C CYS A 186 -2.58 -16.96 0.88
N ALA A 187 -3.08 -15.98 0.16
CA ALA A 187 -4.10 -15.09 0.70
C ALA A 187 -5.34 -15.76 1.23
N GLN A 188 -5.64 -16.96 0.79
CA GLN A 188 -6.83 -17.72 1.25
C GLN A 188 -6.42 -19.03 1.95
N SER A 189 -5.23 -19.05 2.55
CA SER A 189 -4.77 -20.31 3.17
C SER A 189 -3.74 -20.15 4.28
N HIS A 190 -3.87 -19.08 5.07
CA HIS A 190 -2.91 -18.82 6.15
C HIS A 190 -2.92 -20.02 7.14
N GLY A 191 -1.79 -20.67 7.33
CA GLY A 191 -1.71 -21.80 8.23
C GLY A 191 -1.97 -23.23 7.71
N SER A 192 -2.32 -23.37 6.42
CA SER A 192 -2.53 -24.68 5.85
C SER A 192 -1.20 -25.42 5.88
N VAL A 193 -1.22 -26.75 5.97
CA VAL A 193 0.03 -27.53 6.09
C VAL A 193 0.04 -28.59 5.04
N TRP A 194 1.09 -28.56 4.21
CA TRP A 194 1.38 -29.55 3.18
C TRP A 194 2.69 -30.29 3.58
N ASN A 195 2.64 -31.61 3.77
CA ASN A 195 3.80 -32.40 4.25
C ASN A 195 4.58 -31.70 5.31
N ASN A 196 3.88 -31.34 6.37
CA ASN A 196 4.45 -30.70 7.54
C ASN A 196 5.25 -29.41 7.24
N GLN A 197 4.81 -28.64 6.23
CA GLN A 197 5.33 -27.29 5.96
C GLN A 197 4.17 -26.39 5.76
N ARG A 198 4.20 -25.23 6.38
CA ARG A 198 3.09 -24.30 6.24
C ARG A 198 3.11 -23.70 4.85
N ALA A 199 1.92 -23.49 4.32
CA ALA A 199 1.70 -22.83 3.03
C ALA A 199 2.42 -21.49 3.02
N GLY A 200 3.14 -21.23 1.94
CA GLY A 200 4.03 -20.04 1.83
C GLY A 200 5.53 -20.27 2.05
N THR A 201 5.83 -21.33 2.82
CA THR A 201 7.21 -21.78 3.13
C THR A 201 7.79 -22.74 2.10
N ILE A 202 6.98 -23.23 1.16
CA ILE A 202 7.40 -24.32 0.30
C ILE A 202 7.99 -23.83 -1.02
N GLY A 203 7.44 -22.75 -1.59
CA GLY A 203 7.98 -22.13 -2.81
C GLY A 203 9.09 -21.14 -2.42
N ASP A 204 9.64 -20.42 -3.40
CA ASP A 204 10.69 -19.45 -3.12
C ASP A 204 10.25 -18.32 -2.22
N ILE A 205 9.01 -17.88 -2.39
CA ILE A 205 8.43 -16.79 -1.60
C ILE A 205 6.94 -17.03 -1.43
N GLY A 206 6.44 -16.79 -0.23
CA GLY A 206 4.99 -16.88 0.05
C GLY A 206 4.48 -15.47 0.13
N ALA A 207 3.29 -15.23 -0.42
CA ALA A 207 2.60 -13.95 -0.29
C ALA A 207 1.20 -14.15 0.29
N PHE A 208 0.80 -13.19 1.13
CA PHE A 208 -0.43 -13.24 1.90
C PHE A 208 -1.09 -11.88 1.86
N SER A 209 -2.43 -11.89 1.87
CA SER A 209 -3.31 -10.72 2.03
C SER A 209 -3.88 -10.80 3.43
N CYS A 210 -4.07 -9.64 4.03
CA CYS A 210 -4.72 -9.51 5.33
C CYS A 210 -5.89 -8.52 5.21
N GLN A 211 -6.50 -8.52 4.04
CA GLN A 211 -7.69 -7.74 3.75
C GLN A 211 -8.83 -8.30 4.60
N GLN A 212 -9.82 -7.46 4.83
CA GLN A 212 -10.90 -7.74 5.75
C GLN A 212 -11.46 -9.17 5.74
N GLY A 213 -11.74 -9.75 4.60
CA GLY A 213 -12.46 -10.99 4.57
C GLY A 213 -11.60 -12.20 4.90
N LYS A 214 -10.28 -12.00 5.01
CA LYS A 214 -9.36 -13.13 5.26
C LYS A 214 -9.39 -13.57 6.71
N VAL A 215 -8.78 -14.71 6.96
CA VAL A 215 -8.83 -15.31 8.26
C VAL A 215 -7.90 -14.57 9.20
N LEU A 216 -6.87 -13.93 8.63
CA LEU A 216 -5.99 -13.10 9.43
C LEU A 216 -6.07 -11.74 8.80
N THR A 217 -6.64 -10.77 9.50
CA THR A 217 -6.84 -9.44 8.94
C THR A 217 -6.57 -8.26 9.89
N ALA A 218 -6.19 -7.12 9.31
CA ALA A 218 -6.23 -5.83 9.99
C ALA A 218 -6.96 -4.82 9.09
N GLY A 219 -7.92 -5.34 8.33
CA GLY A 219 -8.67 -4.56 7.34
C GLY A 219 -7.94 -4.46 6.00
N GLU A 220 -6.71 -3.97 6.07
CA GLU A 220 -5.78 -4.10 4.97
C GLU A 220 -4.44 -4.59 5.53
N GLY A 221 -3.68 -5.27 4.67
CA GLY A 221 -2.33 -5.66 5.01
C GLY A 221 -1.83 -6.74 4.11
N GLY A 222 -0.52 -7.01 4.19
CA GLY A 222 0.06 -8.08 3.44
C GLY A 222 1.26 -8.62 4.16
N ILE A 223 1.69 -9.80 3.73
CA ILE A 223 2.81 -10.47 4.33
C ILE A 223 3.59 -11.15 3.25
N ILE A 224 4.90 -11.14 3.41
CA ILE A 224 5.78 -11.85 2.56
C ILE A 224 6.68 -12.70 3.45
N VAL A 225 6.91 -13.93 3.01
CA VAL A 225 7.81 -14.84 3.70
C VAL A 225 8.72 -15.53 2.72
N THR A 226 9.94 -15.81 3.22
CA THR A 226 10.89 -16.59 2.49
C THR A 226 11.85 -17.34 3.41
N LYS A 227 12.46 -18.38 2.87
CA LYS A 227 13.52 -19.10 3.53
C LYS A 227 14.91 -18.49 3.22
N ASN A 228 15.03 -17.74 2.11
CA ASN A 228 16.32 -17.31 1.53
C ASN A 228 16.78 -15.99 2.11
N PRO A 229 17.97 -15.98 2.70
CA PRO A 229 18.41 -14.74 3.38
C PRO A 229 18.60 -13.50 2.46
N ARG A 230 19.15 -13.70 1.27
CA ARG A 230 19.32 -12.63 0.29
C ARG A 230 17.94 -12.00 -0.16
N LEU A 231 16.99 -12.87 -0.50
CA LEU A 231 15.61 -12.43 -0.74
C LEU A 231 15.00 -11.62 0.42
N PHE A 232 15.16 -12.07 1.67
CA PHE A 232 14.77 -11.28 2.86
C PHE A 232 15.29 -9.82 2.78
N GLU A 233 16.56 -9.63 2.49
CA GLU A 233 17.10 -8.28 2.48
C GLU A 233 16.56 -7.45 1.31
N LEU A 234 16.43 -8.08 0.14
CA LEU A 234 15.86 -7.42 -1.03
C LEU A 234 14.43 -6.98 -0.72
N ILE A 235 13.64 -7.87 -0.13
CA ILE A 235 12.24 -7.58 0.11
C ILE A 235 12.12 -6.44 1.08
N GLN A 236 12.99 -6.42 2.09
CA GLN A 236 13.00 -5.28 3.01
C GLN A 236 13.16 -3.99 2.26
N GLN A 237 14.15 -3.97 1.37
CA GLN A 237 14.45 -2.80 0.59
C GLN A 237 13.33 -2.47 -0.40
N LEU A 238 12.68 -3.47 -0.96
CA LEU A 238 11.59 -3.21 -1.92
C LEU A 238 10.38 -2.54 -1.29
N ARG A 239 10.21 -2.66 0.05
CA ARG A 239 9.08 -2.06 0.70
C ARG A 239 9.42 -0.79 1.50
N ALA A 240 10.70 -0.46 1.68
CA ALA A 240 11.04 0.78 2.40
C ALA A 240 12.01 1.69 1.64
N ASP A 241 11.75 1.91 0.34
CA ASP A 241 12.52 2.88 -0.45
C ASP A 241 14.01 2.55 -0.39
N SER A 242 14.34 1.28 -0.60
CA SER A 242 15.70 0.78 -0.66
C SER A 242 16.44 0.82 0.70
N ARG A 243 15.67 0.81 1.80
CA ARG A 243 16.23 0.84 3.13
C ARG A 243 16.09 -0.53 3.84
N VAL A 244 17.02 -0.79 4.76
CA VAL A 244 16.91 -1.87 5.75
C VAL A 244 16.95 -1.29 7.17
N TYR A 245 16.73 -2.15 8.15
CA TYR A 245 16.95 -1.76 9.56
C TYR A 245 18.43 -1.69 9.89
N CYS A 246 18.79 -0.72 10.74
CA CYS A 246 20.17 -0.53 11.15
C CYS A 246 20.59 -1.74 11.97
N ASP A 247 21.87 -2.14 11.83
CA ASP A 247 22.44 -3.41 12.34
C ASP A 247 22.18 -3.66 13.82
N ASP A 248 22.57 -2.68 14.60
CA ASP A 248 22.55 -2.81 16.04
C ASP A 248 21.33 -2.07 16.52
N SER A 249 20.23 -2.84 16.50
CA SER A 249 18.88 -2.41 16.89
C SER A 249 18.88 -1.70 18.24
N SER A 250 19.76 -2.12 19.14
CA SER A 250 19.98 -1.48 20.44
C SER A 250 21.39 -0.86 20.53
N GLU A 251 21.65 0.10 19.66
CA GLU A 251 22.78 1.00 19.84
C GLU A 251 22.49 2.32 19.14
N LEU A 252 21.22 2.75 19.21
CA LEU A 252 20.75 4.03 18.67
C LEU A 252 19.84 4.72 19.68
N MET A 253 19.75 6.04 19.55
CA MET A 253 19.07 6.86 20.56
C MET A 253 17.61 7.13 20.25
N HIS A 254 16.91 7.47 21.31
CA HIS A 254 15.54 7.85 21.21
C HIS A 254 15.54 9.07 20.29
N GLY A 255 14.67 9.06 19.28
CA GLY A 255 14.61 10.16 18.32
C GLY A 255 15.41 9.95 17.03
N ASP A 256 16.07 8.80 16.91
CA ASP A 256 16.79 8.42 15.72
C ASP A 256 15.89 7.63 14.75
N MET A 257 16.19 7.76 13.46
CA MET A 257 15.70 6.86 12.43
C MET A 257 16.26 5.49 12.70
N GLN A 258 15.47 4.44 12.49
CA GLN A 258 15.93 3.03 12.54
C GLN A 258 16.14 2.44 11.14
N LEU A 259 15.36 2.88 10.15
CA LEU A 259 15.62 2.51 8.73
C LEU A 259 16.84 3.25 8.24
N VAL A 260 17.81 2.50 7.71
CA VAL A 260 19.03 3.07 7.13
C VAL A 260 19.14 2.73 5.61
N LYS A 261 19.89 3.56 4.90
CA LYS A 261 20.14 3.37 3.49
C LYS A 261 20.80 2.07 3.21
N LYS A 262 20.37 1.40 2.16
CA LYS A 262 21.05 0.18 1.73
C LYS A 262 21.33 0.22 0.24
N GLY A 263 20.29 0.36 -0.61
CA GLY A 263 20.47 0.60 -2.06
C GLY A 263 21.03 -0.56 -2.91
N ASP A 264 20.95 -1.80 -2.44
CA ASP A 264 21.20 -2.95 -3.33
C ASP A 264 20.15 -3.04 -4.39
N ILE A 265 18.90 -2.71 -4.04
CA ILE A 265 17.80 -2.73 -4.97
C ILE A 265 16.86 -1.56 -4.77
N GLN A 266 16.35 -1.06 -5.87
CA GLN A 266 15.41 0.03 -5.84
C GLN A 266 14.08 -0.42 -5.21
N GLY A 267 13.70 0.26 -4.13
CA GLY A 267 12.41 0.09 -3.52
C GLY A 267 11.49 1.27 -3.60
N SER A 268 10.29 1.09 -3.06
CA SER A 268 9.27 2.13 -2.88
C SER A 268 8.73 1.95 -1.48
N ASN A 269 7.78 2.79 -1.07
CA ASN A 269 7.17 2.65 0.27
C ASN A 269 5.99 1.71 0.21
N TYR A 270 6.19 0.51 0.73
CA TYR A 270 5.07 -0.41 0.96
C TYR A 270 5.11 -0.90 2.38
N CYS A 271 5.26 0.06 3.30
CA CYS A 271 5.32 -0.23 4.74
C CYS A 271 3.92 -0.33 5.34
N LEU A 272 3.74 -1.35 6.19
CA LEU A 272 2.51 -1.53 6.96
C LEU A 272 2.56 -0.63 8.17
N SER A 273 1.48 0.10 8.45
CA SER A 273 1.34 0.91 9.69
C SER A 273 1.43 0.06 10.95
N GLU A 274 2.03 0.64 11.97
CA GLU A 274 2.16 -0.06 13.24
C GLU A 274 0.77 -0.47 13.80
N PHE A 275 -0.25 0.35 13.59
CA PHE A 275 -1.59 -0.03 14.08
C PHE A 275 -2.08 -1.34 13.46
N GLN A 276 -1.81 -1.52 12.17
CA GLN A 276 -2.18 -2.75 11.51
C GLN A 276 -1.35 -3.96 11.94
N SER A 277 -0.05 -3.75 12.16
CA SER A 277 0.87 -4.81 12.59
C SER A 277 0.45 -5.24 13.99
N ALA A 278 0.03 -4.27 14.78
CA ALA A 278 -0.48 -4.53 16.14
C ALA A 278 -1.75 -5.39 16.12
N ILE A 279 -2.70 -5.03 15.22
CA ILE A 279 -3.95 -5.80 15.06
C ILE A 279 -3.59 -7.21 14.65
N LEU A 280 -2.63 -7.36 13.75
CA LEU A 280 -2.33 -8.69 13.22
C LEU A 280 -1.73 -9.60 14.27
N LEU A 281 -0.92 -9.00 15.13
CA LEU A 281 -0.33 -9.72 16.26
C LEU A 281 -1.44 -10.27 17.18
N ASP A 282 -2.44 -9.44 17.48
CA ASP A 282 -3.58 -9.89 18.28
C ASP A 282 -4.29 -11.04 17.53
N GLN A 283 -4.73 -10.72 16.30
CA GLN A 283 -5.43 -11.74 15.48
C GLN A 283 -4.65 -13.04 15.33
N LEU A 284 -3.33 -12.98 15.22
CA LEU A 284 -2.53 -14.17 14.98
C LEU A 284 -2.60 -15.12 16.15
N GLN A 285 -2.65 -14.56 17.34
CA GLN A 285 -2.94 -15.29 18.60
C GLN A 285 -3.99 -16.36 18.50
N GLU A 286 -5.06 -16.06 17.75
CA GLU A 286 -6.23 -16.88 17.69
C GLU A 286 -6.31 -17.66 16.40
N LEU A 287 -5.35 -17.46 15.51
CA LEU A 287 -5.47 -17.98 14.13
C LEU A 287 -5.55 -19.48 14.09
N ASP A 288 -4.61 -20.13 14.74
CA ASP A 288 -4.54 -21.58 14.61
C ASP A 288 -5.81 -22.28 15.13
N ASP A 289 -6.33 -21.78 16.24
CA ASP A 289 -7.45 -22.37 16.90
C ASP A 289 -8.69 -22.04 16.11
N LYS A 290 -8.84 -20.81 15.60
CA LYS A 290 -10.02 -20.52 14.78
C LYS A 290 -9.96 -21.34 13.47
N ASN A 291 -8.78 -21.55 12.90
CA ASN A 291 -8.64 -22.42 11.74
C ASN A 291 -9.08 -23.87 12.03
N ALA A 292 -8.70 -24.38 13.20
CA ALA A 292 -9.09 -25.72 13.60
C ALA A 292 -10.65 -25.86 13.73
N ILE A 293 -11.30 -24.82 14.25
CA ILE A 293 -12.76 -24.78 14.33
C ILE A 293 -13.40 -24.85 12.94
N ARG A 294 -12.96 -23.96 12.06
CA ARG A 294 -13.33 -24.00 10.67
C ARG A 294 -13.16 -25.38 10.02
N GLU A 295 -11.98 -25.95 10.19
CA GLU A 295 -11.64 -27.21 9.55
C GLU A 295 -12.53 -28.35 10.08
N LYS A 296 -12.75 -28.39 11.39
CA LYS A 296 -13.59 -29.42 12.02
C LYS A 296 -15.00 -29.34 11.41
N ASN A 297 -15.51 -28.12 11.25
CA ASN A 297 -16.79 -27.92 10.60
C ASN A 297 -16.83 -28.24 9.10
N ALA A 298 -15.75 -27.94 8.38
CA ALA A 298 -15.62 -28.27 6.96
C ALA A 298 -15.67 -29.77 6.73
N MET A 299 -14.97 -30.49 7.58
CA MET A 299 -15.04 -31.94 7.55
C MET A 299 -16.45 -32.50 7.80
N PHE A 300 -17.18 -31.90 8.70
CA PHE A 300 -18.53 -32.27 9.04
C PHE A 300 -19.45 -32.04 7.84
N LEU A 301 -19.30 -30.85 7.22
CA LEU A 301 -19.96 -30.56 5.93
C LEU A 301 -19.60 -31.52 4.83
N ASN A 302 -18.31 -31.83 4.67
CA ASN A 302 -17.93 -32.81 3.65
C ASN A 302 -18.58 -34.20 3.88
N ASP A 303 -18.62 -34.61 5.15
CA ASP A 303 -19.35 -35.85 5.55
C ASP A 303 -20.83 -35.75 5.11
N ALA A 304 -21.48 -34.65 5.45
CA ALA A 304 -22.92 -34.56 5.30
C ALA A 304 -23.26 -34.33 3.86
N LEU A 305 -22.62 -33.35 3.24
CA LEU A 305 -23.00 -32.93 1.89
C LEU A 305 -22.70 -33.93 0.81
N SER A 306 -21.59 -34.66 0.95
CA SER A 306 -21.24 -35.69 -0.01
C SER A 306 -22.28 -36.85 -0.05
N LYS A 307 -23.11 -37.00 0.99
CA LYS A 307 -24.20 -37.97 0.94
C LYS A 307 -25.43 -37.55 0.09
N ILE A 308 -25.48 -36.30 -0.38
CA ILE A 308 -26.57 -35.87 -1.26
C ILE A 308 -26.21 -36.16 -2.73
N ASP A 309 -27.06 -36.89 -3.43
CA ASP A 309 -26.84 -37.22 -4.83
C ASP A 309 -26.83 -35.91 -5.63
N GLY A 310 -25.85 -35.78 -6.53
CA GLY A 310 -25.65 -34.54 -7.29
C GLY A 310 -24.72 -33.52 -6.68
N ILE A 311 -24.30 -33.72 -5.43
CA ILE A 311 -23.41 -32.78 -4.72
C ILE A 311 -22.03 -33.41 -4.70
N LYS A 312 -21.00 -32.64 -5.08
CA LYS A 312 -19.61 -33.08 -4.99
C LYS A 312 -18.80 -32.13 -4.17
N VAL A 313 -18.21 -32.64 -3.08
CA VAL A 313 -17.29 -31.82 -2.30
C VAL A 313 -15.93 -31.85 -2.99
N MET A 314 -15.04 -30.96 -2.56
CA MET A 314 -13.67 -30.91 -3.08
C MET A 314 -12.83 -32.09 -2.51
N LYS A 315 -11.84 -32.55 -3.28
CA LYS A 315 -11.03 -33.67 -2.82
C LYS A 315 -9.80 -33.09 -2.15
N ARG A 316 -9.51 -33.58 -0.97
CA ARG A 316 -8.40 -33.12 -0.14
C ARG A 316 -7.24 -34.14 -0.29
N PRO A 317 -6.09 -33.71 -0.86
CA PRO A 317 -4.98 -34.67 -0.98
C PRO A 317 -4.39 -35.09 0.38
N PRO A 318 -3.76 -36.28 0.43
CA PRO A 318 -3.31 -36.77 1.74
C PRO A 318 -2.10 -35.98 2.27
N GLN A 319 -1.37 -35.27 1.40
CA GLN A 319 -0.34 -34.35 1.86
C GLN A 319 -0.85 -33.26 2.82
N VAL A 320 -2.12 -32.91 2.72
CA VAL A 320 -2.67 -31.85 3.56
C VAL A 320 -3.07 -32.40 4.93
N SER A 321 -2.38 -31.99 5.99
CA SER A 321 -2.75 -32.37 7.35
C SER A 321 -3.57 -31.28 8.09
N ARG A 322 -3.41 -30.01 7.69
CA ARG A 322 -4.31 -28.94 8.17
C ARG A 322 -4.70 -28.08 6.99
N GLN A 323 -5.97 -27.85 6.82
CA GLN A 323 -6.46 -27.01 5.76
C GLN A 323 -7.13 -25.83 6.39
N THR A 324 -6.66 -24.65 5.97
CA THR A 324 -7.31 -23.40 6.28
C THR A 324 -8.39 -23.20 5.24
N TYR A 325 -9.59 -22.86 5.71
CA TYR A 325 -10.74 -22.61 4.83
C TYR A 325 -11.04 -21.14 4.90
N TYR A 326 -10.65 -20.40 3.86
CA TYR A 326 -11.11 -19.04 3.69
C TYR A 326 -12.57 -19.10 3.15
N GLY A 327 -12.81 -20.06 2.26
CA GLY A 327 -14.12 -20.43 1.77
C GLY A 327 -14.31 -21.93 1.71
N TYR A 328 -15.46 -22.43 2.15
CA TYR A 328 -15.85 -23.83 1.95
C TYR A 328 -16.57 -23.94 0.59
N VAL A 329 -16.04 -24.77 -0.32
CA VAL A 329 -16.61 -24.93 -1.66
C VAL A 329 -17.25 -26.27 -1.78
N PHE A 330 -18.46 -26.30 -2.32
CA PHE A 330 -19.00 -27.55 -2.86
C PHE A 330 -19.65 -27.36 -4.23
N ARG A 331 -19.69 -28.45 -4.98
CA ARG A 331 -20.16 -28.39 -6.38
C ARG A 331 -21.50 -29.07 -6.45
N PHE A 332 -22.27 -28.73 -7.46
CA PHE A 332 -23.54 -29.39 -7.70
C PHE A 332 -23.69 -29.62 -9.18
N ASP A 333 -24.45 -30.66 -9.50
CA ASP A 333 -24.75 -31.08 -10.84
C ASP A 333 -26.10 -30.45 -11.23
N PRO A 334 -26.08 -29.52 -12.17
CA PRO A 334 -27.30 -28.83 -12.54
C PRO A 334 -28.38 -29.77 -13.10
N VAL A 335 -27.93 -30.85 -13.73
CA VAL A 335 -28.82 -31.89 -14.22
C VAL A 335 -29.74 -32.40 -13.09
N LYS A 336 -29.20 -32.53 -11.88
CA LYS A 336 -29.97 -33.04 -10.75
C LYS A 336 -30.56 -31.93 -9.88
N PHE A 337 -30.36 -30.66 -10.25
CA PHE A 337 -30.90 -29.52 -9.49
C PHE A 337 -31.70 -28.58 -10.38
N GLY A 338 -32.57 -29.14 -11.21
CA GLY A 338 -33.52 -28.36 -12.00
C GLY A 338 -32.96 -27.36 -12.98
N GLY A 339 -31.68 -27.55 -13.34
CA GLY A 339 -31.03 -26.64 -14.25
C GLY A 339 -30.68 -25.32 -13.63
N LEU A 340 -30.71 -25.20 -12.31
CA LEU A 340 -30.21 -23.99 -11.68
C LEU A 340 -28.73 -23.81 -11.98
N ASN A 341 -28.32 -22.56 -12.15
CA ASN A 341 -26.97 -22.16 -11.90
C ASN A 341 -26.67 -21.80 -10.42
N ALA A 342 -25.40 -21.59 -10.16
CA ALA A 342 -24.89 -21.24 -8.86
C ALA A 342 -25.54 -19.99 -8.28
N ASP A 343 -25.64 -18.96 -9.10
CA ASP A 343 -26.22 -17.72 -8.64
C ASP A 343 -27.64 -17.95 -8.14
N GLN A 344 -28.39 -18.79 -8.82
CA GLN A 344 -29.79 -19.07 -8.42
C GLN A 344 -29.82 -19.98 -7.20
N PHE A 345 -28.94 -20.97 -7.18
CA PHE A 345 -28.83 -21.92 -6.07
C PHE A 345 -28.54 -21.08 -4.82
N CYS A 346 -27.58 -20.15 -4.91
CA CYS A 346 -27.17 -19.36 -3.78
C CYS A 346 -28.28 -18.48 -3.22
N GLU A 347 -29.01 -17.89 -4.14
CA GLU A 347 -30.12 -17.03 -3.83
C GLU A 347 -31.21 -17.79 -3.04
N ILE A 348 -31.55 -18.98 -3.49
CA ILE A 348 -32.47 -19.83 -2.74
C ILE A 348 -31.97 -20.11 -1.30
N LEU A 349 -30.74 -20.59 -1.21
CA LEU A 349 -30.16 -20.90 0.07
C LEU A 349 -30.12 -19.72 1.01
N ARG A 350 -29.71 -18.56 0.51
CA ARG A 350 -29.69 -17.32 1.32
C ARG A 350 -31.05 -16.90 1.88
N GLU A 351 -32.05 -17.07 1.05
CA GLU A 351 -33.48 -16.84 1.40
C GLU A 351 -33.91 -17.75 2.54
N LYS A 352 -33.67 -19.03 2.35
CA LYS A 352 -34.03 -20.05 3.31
C LYS A 352 -33.26 -20.10 4.63
N LEU A 353 -32.01 -19.68 4.60
CA LEU A 353 -31.18 -19.60 5.78
C LEU A 353 -31.08 -18.20 6.32
N ASN A 354 -31.65 -17.24 5.62
CA ASN A 354 -31.41 -15.87 6.02
C ASN A 354 -29.90 -15.56 6.24
N MET A 355 -29.13 -15.82 5.19
CA MET A 355 -27.71 -15.53 5.15
C MET A 355 -27.39 -14.48 4.08
N GLY A 356 -26.48 -13.57 4.39
CA GLY A 356 -26.04 -12.54 3.45
C GLY A 356 -25.18 -13.00 2.29
N THR A 357 -25.11 -12.10 1.30
CA THR A 357 -24.45 -12.33 0.01
C THR A 357 -22.95 -12.45 0.16
N PHE A 358 -22.36 -11.66 1.05
CA PHE A 358 -20.95 -11.77 1.38
C PHE A 358 -20.53 -13.18 1.84
N TYR A 359 -21.45 -13.91 2.49
CA TYR A 359 -21.17 -15.20 3.12
C TYR A 359 -21.49 -16.42 2.28
N LEU A 360 -22.31 -16.28 1.23
CA LEU A 360 -22.76 -17.38 0.38
C LEU A 360 -22.98 -16.89 -1.06
N HIS A 361 -22.08 -17.31 -1.94
CA HIS A 361 -22.10 -16.82 -3.30
C HIS A 361 -21.29 -17.77 -4.12
N PRO A 362 -21.51 -17.75 -5.46
CA PRO A 362 -20.65 -18.54 -6.37
C PRO A 362 -19.18 -18.08 -6.37
N PRO A 363 -18.28 -18.91 -6.83
CA PRO A 363 -16.91 -18.41 -6.91
C PRO A 363 -16.72 -17.40 -8.01
N TYR A 364 -15.49 -16.90 -8.12
CA TYR A 364 -15.08 -15.92 -9.15
C TYR A 364 -15.32 -16.40 -10.58
N LEU A 365 -15.61 -15.47 -11.46
CA LEU A 365 -15.46 -15.71 -12.87
C LEU A 365 -14.01 -15.97 -13.11
N PRO A 366 -13.67 -16.65 -14.22
CA PRO A 366 -12.25 -16.71 -14.54
C PRO A 366 -11.69 -15.32 -14.75
N VAL A 367 -10.39 -15.15 -14.47
CA VAL A 367 -9.75 -13.79 -14.45
C VAL A 367 -9.89 -13.11 -15.82
N HIS A 368 -9.61 -13.86 -16.87
CA HIS A 368 -9.68 -13.32 -18.23
C HIS A 368 -11.08 -12.81 -18.61
N LYS A 369 -12.11 -13.31 -17.95
CA LYS A 369 -13.52 -12.91 -18.18
C LYS A 369 -14.03 -11.92 -17.14
N ASN A 370 -13.28 -11.69 -16.05
CA ASN A 370 -13.73 -10.79 -14.99
C ASN A 370 -13.71 -9.32 -15.51
N PRO A 371 -14.84 -8.58 -15.36
CA PRO A 371 -14.83 -7.20 -15.84
C PRO A 371 -13.84 -6.28 -15.11
N LEU A 372 -13.49 -6.58 -13.88
CA LEU A 372 -12.51 -5.79 -13.16
C LEU A 372 -11.07 -5.92 -13.77
N PHE A 373 -10.86 -7.00 -14.53
CA PHE A 373 -9.65 -7.23 -15.26
C PHE A 373 -9.78 -6.67 -16.66
N CYS A 374 -9.10 -5.57 -16.88
CA CYS A 374 -9.18 -4.78 -18.14
C CYS A 374 -7.91 -3.99 -18.38
N PRO A 375 -6.76 -4.69 -18.46
CA PRO A 375 -5.45 -4.05 -18.54
C PRO A 375 -5.18 -3.19 -19.78
N TRP A 376 -5.84 -3.51 -20.88
CA TRP A 376 -5.83 -2.70 -22.09
C TRP A 376 -6.34 -1.28 -21.86
N THR A 377 -7.05 -1.00 -20.78
CA THR A 377 -7.52 0.36 -20.53
C THR A 377 -6.47 1.31 -19.90
N LYS A 378 -5.27 0.80 -19.66
CA LYS A 378 -4.32 1.50 -18.84
C LYS A 378 -2.95 1.64 -19.55
N ASN A 379 -2.64 2.88 -19.87
CA ASN A 379 -1.44 3.24 -20.59
C ASN A 379 -0.12 2.96 -19.87
N ARG A 380 -0.17 3.09 -18.55
CA ARG A 380 0.90 2.69 -17.65
C ARG A 380 1.44 1.27 -17.93
N TYR A 381 0.55 0.32 -18.26
CA TYR A 381 0.97 -1.03 -18.63
C TYR A 381 1.53 -0.99 -20.04
N LEU A 382 2.52 -1.84 -20.32
CA LEU A 382 3.20 -1.87 -21.59
C LEU A 382 2.25 -2.46 -22.60
N LYS A 383 2.31 -1.89 -23.80
CA LYS A 383 1.49 -2.29 -24.94
C LYS A 383 1.63 -3.76 -25.16
N SER A 384 2.86 -4.24 -25.08
CA SER A 384 3.22 -5.65 -25.29
C SER A 384 2.56 -6.64 -24.32
N VAL A 385 2.27 -6.20 -23.08
CA VAL A 385 1.58 -7.08 -22.13
C VAL A 385 0.10 -6.78 -21.91
N ARG A 386 -0.33 -5.54 -22.04
CA ARG A 386 -1.74 -5.24 -21.88
C ARG A 386 -2.58 -5.76 -23.05
N LYS A 387 -1.95 -5.92 -24.21
CA LYS A 387 -2.58 -6.52 -25.39
C LYS A 387 -3.90 -5.83 -25.71
N THR A 388 -4.96 -6.60 -25.93
CA THR A 388 -6.28 -6.09 -26.24
C THR A 388 -7.37 -6.83 -25.49
N GLU A 389 -8.52 -6.19 -25.39
CA GLU A 389 -9.72 -6.81 -24.86
C GLU A 389 -10.03 -8.13 -25.56
N ALA A 390 -9.92 -8.15 -26.89
CA ALA A 390 -10.17 -9.35 -27.68
C ALA A 390 -9.24 -10.47 -27.28
N TYR A 391 -7.94 -10.16 -27.11
CA TYR A 391 -6.95 -11.17 -26.68
C TYR A 391 -7.33 -11.86 -25.35
N TRP A 392 -7.58 -11.09 -24.31
CA TRP A 392 -7.84 -11.64 -22.97
C TRP A 392 -9.22 -12.30 -22.90
N ARG A 393 -10.26 -11.54 -23.30
CA ARG A 393 -11.65 -12.06 -23.31
C ARG A 393 -11.82 -13.32 -24.13
N GLY A 394 -10.99 -13.50 -25.15
CA GLY A 394 -11.14 -14.64 -26.12
C GLY A 394 -10.45 -15.92 -25.70
N LEU A 395 -9.70 -15.88 -24.57
CA LEU A 395 -9.09 -17.08 -24.01
C LEU A 395 -10.15 -18.03 -23.50
N HIS A 396 -9.74 -19.27 -23.29
CA HIS A 396 -10.64 -20.32 -22.88
C HIS A 396 -9.99 -21.33 -21.93
N TYR A 397 -10.60 -21.50 -20.75
CA TYR A 397 -10.22 -22.43 -19.72
C TYR A 397 -11.51 -23.04 -19.15
N PRO A 398 -11.92 -24.22 -19.67
CA PRO A 398 -13.28 -24.75 -19.40
C PRO A 398 -13.57 -25.08 -17.93
N VAL A 399 -12.63 -25.76 -17.27
CA VAL A 399 -12.86 -26.15 -15.90
C VAL A 399 -13.10 -24.90 -15.06
N SER A 400 -12.22 -23.92 -15.18
CA SER A 400 -12.31 -22.67 -14.46
C SER A 400 -13.61 -21.90 -14.77
N GLU A 401 -14.03 -21.95 -16.02
CA GLU A 401 -15.24 -21.27 -16.46
C GLU A 401 -16.49 -21.88 -15.81
N ARG A 402 -16.57 -23.20 -15.77
CA ARG A 402 -17.73 -23.86 -15.21
C ARG A 402 -17.84 -23.66 -13.72
N ALA A 403 -16.74 -23.34 -13.03
CA ALA A 403 -16.74 -23.17 -11.57
C ALA A 403 -17.76 -22.20 -11.01
N SER A 404 -17.85 -21.01 -11.62
CA SER A 404 -18.82 -19.99 -11.17
C SER A 404 -20.26 -20.37 -11.41
N GLY A 405 -20.50 -21.25 -12.39
CA GLY A 405 -21.86 -21.65 -12.75
C GLY A 405 -22.41 -22.79 -11.92
N GLN A 406 -21.52 -23.58 -11.32
CA GLN A 406 -21.97 -24.74 -10.58
C GLN A 406 -21.29 -25.02 -9.24
N SER A 407 -20.84 -23.98 -8.54
CA SER A 407 -20.20 -24.13 -7.22
C SER A 407 -20.74 -23.13 -6.28
N ILE A 408 -20.70 -23.51 -5.00
CA ILE A 408 -21.14 -22.65 -3.91
C ILE A 408 -19.97 -22.50 -2.92
N VAL A 409 -19.70 -21.24 -2.56
CA VAL A 409 -18.64 -20.90 -1.60
C VAL A 409 -19.27 -20.37 -0.32
N ILE A 410 -18.97 -21.02 0.79
CA ILE A 410 -19.33 -20.51 2.11
C ILE A 410 -18.15 -19.76 2.72
N HIS A 411 -18.32 -18.48 3.01
CA HIS A 411 -17.27 -17.76 3.68
C HIS A 411 -16.96 -18.41 5.04
N HIS A 412 -15.70 -18.33 5.41
CA HIS A 412 -15.23 -19.01 6.58
C HIS A 412 -15.87 -18.62 7.91
N ALA A 413 -16.43 -17.42 8.03
CA ALA A 413 -17.14 -17.01 9.26
C ALA A 413 -18.27 -17.98 9.62
N ILE A 414 -18.93 -18.49 8.60
CA ILE A 414 -20.05 -19.33 8.81
C ILE A 414 -19.53 -20.63 9.40
N LEU A 415 -18.30 -20.99 9.06
CA LEU A 415 -17.68 -22.19 9.64
C LEU A 415 -17.24 -22.06 11.12
N LEU A 416 -17.35 -20.88 11.71
CA LEU A 416 -17.22 -20.75 13.16
C LEU A 416 -18.54 -20.99 13.92
N ALA A 417 -19.64 -21.24 13.21
CA ALA A 417 -20.88 -21.57 13.84
C ALA A 417 -20.79 -22.99 14.40
N GLU A 418 -21.79 -23.34 15.20
CA GLU A 418 -21.94 -24.68 15.72
C GLU A 418 -22.33 -25.63 14.61
N PRO A 419 -21.82 -26.88 14.68
CA PRO A 419 -22.18 -27.96 13.74
C PRO A 419 -23.70 -28.12 13.52
N SER A 420 -24.49 -27.95 14.58
CA SER A 420 -25.93 -28.06 14.43
C SER A 420 -26.52 -26.85 13.68
N HIS A 421 -25.84 -25.70 13.72
CA HIS A 421 -26.24 -24.59 12.89
C HIS A 421 -25.96 -24.97 11.43
N LEU A 422 -24.77 -25.50 11.17
CA LEU A 422 -24.42 -25.87 9.80
C LEU A 422 -25.35 -26.94 9.23
N SER A 423 -25.91 -27.78 10.07
CA SER A 423 -26.82 -28.81 9.61
C SER A 423 -28.02 -28.20 8.88
N LEU A 424 -28.39 -26.99 9.30
CA LEU A 424 -29.46 -26.24 8.64
C LEU A 424 -29.16 -26.02 7.16
N LEU A 425 -27.91 -25.68 6.85
CA LEU A 425 -27.48 -25.58 5.44
C LEU A 425 -27.53 -26.91 4.72
N VAL A 426 -27.08 -27.95 5.39
CA VAL A 426 -27.15 -29.28 4.78
C VAL A 426 -28.61 -29.66 4.43
N ASP A 427 -29.53 -29.37 5.33
CA ASP A 427 -30.94 -29.73 5.13
C ASP A 427 -31.55 -28.91 4.05
N ALA A 428 -31.18 -27.64 4.01
CA ALA A 428 -31.64 -26.79 2.90
C ALA A 428 -31.20 -27.37 1.54
N VAL A 429 -29.94 -27.81 1.45
CA VAL A 429 -29.45 -28.38 0.20
C VAL A 429 -30.16 -29.71 -0.11
N ALA A 430 -30.36 -30.51 0.92
CA ALA A 430 -31.02 -31.83 0.77
C ALA A 430 -32.51 -31.67 0.34
N GLU A 431 -33.18 -30.65 0.88
CA GLU A 431 -34.57 -30.36 0.52
C GLU A 431 -34.69 -30.02 -0.96
N LEU A 432 -33.79 -29.16 -1.38
CA LEU A 432 -33.73 -28.74 -2.76
C LEU A 432 -33.43 -29.91 -3.72
N ALA A 433 -32.60 -30.86 -3.30
CA ALA A 433 -32.37 -32.09 -4.07
C ALA A 433 -33.63 -32.93 -4.20
N ARG A 434 -34.39 -32.99 -3.09
CA ARG A 434 -35.64 -33.75 -2.97
C ARG A 434 -36.69 -33.24 -3.97
N LYS A 435 -36.88 -31.92 -3.98
CA LYS A 435 -37.73 -31.22 -4.93
C LYS A 435 -37.48 -31.62 -6.40
N PHE A 436 -36.23 -31.83 -6.77
CA PHE A 436 -35.85 -32.13 -8.14
C PHE A 436 -35.57 -33.60 -8.39
N CYS A 437 -35.98 -34.49 -7.49
CA CYS A 437 -35.61 -35.91 -7.56
C CYS A 437 -36.43 -36.61 -8.62
N HIS B 29 11.96 18.59 27.75
CA HIS B 29 12.32 17.81 26.51
C HIS B 29 11.63 18.33 25.24
N TRP B 30 11.89 17.66 24.11
CA TRP B 30 11.37 18.08 22.82
C TRP B 30 10.04 17.42 22.54
N PRO B 31 9.14 18.11 21.82
CA PRO B 31 7.87 17.50 21.48
C PRO B 31 7.96 16.16 20.69
N GLU B 32 7.19 15.18 21.15
CA GLU B 32 6.89 13.98 20.43
C GLU B 32 6.01 14.25 19.16
N TRP B 33 6.17 13.37 18.17
CA TRP B 33 5.30 13.37 17.02
C TRP B 33 5.15 11.96 16.47
N PRO B 34 3.94 11.41 16.35
CA PRO B 34 2.65 12.10 16.43
C PRO B 34 2.18 12.33 17.86
N GLN B 35 1.01 12.96 17.94
CA GLN B 35 0.31 13.35 19.17
C GLN B 35 -1.13 12.85 18.96
N HIS B 36 -1.61 12.08 19.93
CA HIS B 36 -2.96 11.56 19.96
C HIS B 36 -3.62 12.13 21.21
N SER B 37 -4.95 12.12 21.22
CA SER B 37 -5.75 12.44 22.40
C SER B 37 -6.74 11.26 22.63
N ASP B 38 -7.74 11.45 23.48
CA ASP B 38 -8.87 10.51 23.54
C ASP B 38 -9.78 10.57 22.35
N ARG B 39 -9.76 11.65 21.57
CA ARG B 39 -10.55 11.72 20.35
C ARG B 39 -10.01 10.69 19.35
N THR B 40 -8.68 10.56 19.28
CA THR B 40 -8.08 9.53 18.45
C THR B 40 -8.64 8.19 18.83
N ARG B 41 -8.58 7.89 20.13
CA ARG B 41 -9.05 6.64 20.69
C ARG B 41 -10.50 6.40 20.40
N ARG B 42 -11.35 7.42 20.51
CA ARG B 42 -12.77 7.27 20.21
C ARG B 42 -13.03 6.90 18.75
N LYS B 43 -12.24 7.50 17.87
CA LYS B 43 -12.42 7.27 16.45
C LYS B 43 -12.11 5.81 16.09
N ILE B 44 -11.02 5.29 16.63
CA ILE B 44 -10.70 3.86 16.51
C ILE B 44 -11.86 3.01 17.05
N GLU B 45 -12.39 3.42 18.19
CA GLU B 45 -13.51 2.77 18.81
C GLU B 45 -14.67 2.69 17.89
N GLU B 46 -15.00 3.79 17.22
CA GLU B 46 -16.08 3.74 16.21
C GLU B 46 -15.86 2.66 15.17
N VAL B 47 -14.60 2.44 14.78
CA VAL B 47 -14.27 1.42 13.76
C VAL B 47 -14.61 0.06 14.32
N PHE B 48 -14.12 -0.22 15.54
CA PHE B 48 -14.41 -1.49 16.18
C PHE B 48 -15.91 -1.74 16.32
N GLN B 49 -16.65 -0.73 16.78
CA GLN B 49 -18.12 -0.77 16.84
C GLN B 49 -18.78 -0.95 15.47
N SER B 50 -18.26 -0.33 14.40
CA SER B 50 -18.81 -0.59 13.07
C SER B 50 -18.62 -2.04 12.54
N ASN B 51 -17.58 -2.71 13.02
CA ASN B 51 -17.10 -3.97 12.47
C ASN B 51 -16.83 -3.98 10.96
N ARG B 52 -16.53 -2.80 10.40
CA ARG B 52 -16.10 -2.65 9.01
C ARG B 52 -14.71 -2.05 9.05
N TRP B 53 -13.72 -2.82 8.63
CA TRP B 53 -12.29 -2.46 8.74
C TRP B 53 -11.69 -2.00 7.38
N ALA B 54 -12.40 -2.26 6.28
CA ALA B 54 -11.97 -1.88 4.93
C ALA B 54 -13.14 -1.33 4.17
N ILE B 55 -12.88 -0.51 3.15
CA ILE B 55 -13.92 0.00 2.26
C ILE B 55 -14.47 -1.09 1.37
N SER B 56 -13.65 -2.09 1.08
CA SER B 56 -14.08 -3.30 0.39
C SER B 56 -14.87 -4.23 1.32
N GLY B 57 -14.89 -3.96 2.63
CA GLY B 57 -15.83 -4.58 3.55
C GLY B 57 -17.25 -4.10 3.29
N TYR B 58 -18.23 -4.91 3.63
CA TYR B 58 -19.64 -4.49 3.33
C TYR B 58 -20.16 -3.44 4.29
N TRP B 59 -21.24 -2.80 3.84
CA TRP B 59 -21.96 -1.77 4.60
C TRP B 59 -22.47 -2.33 5.92
N THR B 60 -22.21 -1.66 7.03
CA THR B 60 -22.73 -2.12 8.34
C THR B 60 -23.64 -1.10 9.03
N GLY B 61 -24.21 -0.14 8.31
CA GLY B 61 -25.22 0.75 8.90
C GLY B 61 -24.99 2.24 8.63
N GLU B 62 -23.74 2.66 8.68
CA GLU B 62 -23.35 4.06 8.53
C GLU B 62 -22.18 4.18 7.56
N GLU B 63 -21.93 5.42 7.16
CA GLU B 63 -20.88 5.71 6.23
C GLU B 63 -19.53 5.24 6.76
N SER B 64 -18.64 4.89 5.83
CA SER B 64 -17.29 4.42 6.14
C SER B 64 -16.43 5.58 6.63
N MET B 65 -15.42 5.30 7.44
CA MET B 65 -14.42 6.32 7.78
C MET B 65 -13.75 6.89 6.54
N GLU B 66 -13.47 6.07 5.55
CA GLU B 66 -12.86 6.57 4.30
C GLU B 66 -13.62 7.77 3.69
N ARG B 67 -14.91 7.60 3.50
CA ARG B 67 -15.72 8.64 2.86
C ARG B 67 -15.89 9.85 3.75
N LYS B 68 -16.04 9.60 5.04
CA LYS B 68 -16.07 10.70 6.00
C LYS B 68 -14.78 11.47 6.01
N PHE B 69 -13.64 10.76 6.01
CA PHE B 69 -12.38 11.45 5.82
C PHE B 69 -12.31 12.16 4.48
N ALA B 70 -12.70 11.51 3.40
CA ALA B 70 -12.58 12.14 2.07
C ALA B 70 -13.36 13.48 1.99
N LYS B 71 -14.57 13.49 2.54
CA LYS B 71 -15.43 14.68 2.59
C LYS B 71 -14.78 15.79 3.41
N ALA B 72 -14.28 15.44 4.59
CA ALA B 72 -13.70 16.41 5.52
C ALA B 72 -12.41 17.07 5.01
N PHE B 73 -11.56 16.28 4.40
CA PHE B 73 -10.34 16.79 3.81
C PHE B 73 -10.64 17.63 2.57
N ALA B 74 -11.59 17.19 1.75
CA ALA B 74 -11.98 17.95 0.58
C ALA B 74 -12.54 19.29 1.02
N ASP B 75 -13.42 19.33 2.01
CA ASP B 75 -13.94 20.62 2.56
C ASP B 75 -12.79 21.46 3.18
N PHE B 76 -11.90 20.82 3.94
CA PHE B 76 -10.73 21.51 4.45
C PHE B 76 -9.98 22.24 3.34
N ASN B 77 -9.90 21.63 2.15
CA ASN B 77 -9.17 22.25 1.07
C ASN B 77 -10.01 23.02 0.08
N GLY B 78 -11.31 23.07 0.31
CA GLY B 78 -12.20 23.66 -0.66
C GLY B 78 -11.97 23.12 -2.06
N VAL B 79 -11.99 21.80 -2.18
CA VAL B 79 -11.85 21.14 -3.48
C VAL B 79 -12.97 20.09 -3.51
N PRO B 80 -13.52 19.76 -4.69
CA PRO B 80 -14.68 18.88 -4.61
C PRO B 80 -14.46 17.39 -4.52
N TYR B 81 -13.25 16.90 -4.88
CA TYR B 81 -13.03 15.47 -4.97
C TYR B 81 -11.78 15.05 -4.21
N CYS B 82 -11.91 13.98 -3.40
CA CYS B 82 -10.82 13.44 -2.60
C CYS B 82 -10.90 11.96 -2.58
N VAL B 83 -9.81 11.24 -2.86
CA VAL B 83 -9.77 9.80 -2.73
C VAL B 83 -8.61 9.41 -1.81
N PRO B 84 -8.91 8.87 -0.62
CA PRO B 84 -7.81 8.32 0.18
C PRO B 84 -7.14 7.08 -0.44
N THR B 85 -5.90 6.86 -0.05
CA THR B 85 -5.15 5.73 -0.50
C THR B 85 -4.05 5.39 0.53
N THR B 86 -3.10 4.54 0.16
CA THR B 86 -2.21 3.90 1.11
C THR B 86 -1.00 4.72 1.52
N SER B 87 -0.50 5.58 0.66
CA SER B 87 0.74 6.32 0.90
C SER B 87 0.87 7.50 -0.05
N GLY B 88 1.75 8.41 0.30
CA GLY B 88 2.15 9.48 -0.62
C GLY B 88 2.74 8.99 -1.93
N SER B 89 3.57 7.96 -1.87
CA SER B 89 4.15 7.36 -3.08
C SER B 89 3.09 6.83 -4.00
N THR B 90 2.13 6.14 -3.42
CA THR B 90 1.12 5.49 -4.23
C THR B 90 0.16 6.58 -4.76
N ALA B 91 -0.01 7.66 -3.98
CA ALA B 91 -0.86 8.74 -4.43
C ALA B 91 -0.29 9.33 -5.68
N LEU B 92 1.03 9.55 -5.74
CA LEU B 92 1.62 10.07 -6.98
C LEU B 92 1.44 9.11 -8.13
N MET B 93 1.59 7.83 -7.87
CA MET B 93 1.55 6.83 -8.92
C MET B 93 0.15 6.79 -9.60
N LEU B 94 -0.88 6.71 -8.74
CA LEU B 94 -2.29 6.77 -9.14
C LEU B 94 -2.58 8.03 -10.00
N ALA B 95 -2.12 9.18 -9.51
CA ALA B 95 -2.21 10.45 -10.22
C ALA B 95 -1.59 10.38 -11.63
N LEU B 96 -0.42 9.78 -11.73
CA LEU B 96 0.19 9.65 -13.03
C LEU B 96 -0.58 8.70 -13.92
N GLU B 97 -1.03 7.58 -13.32
CA GLU B 97 -1.81 6.61 -14.07
C GLU B 97 -3.08 7.24 -14.59
N ALA B 98 -3.71 8.07 -13.77
CA ALA B 98 -4.98 8.65 -14.16
C ALA B 98 -4.83 9.62 -15.32
N LEU B 99 -3.69 10.26 -15.44
CA LEU B 99 -3.44 11.16 -16.58
C LEU B 99 -2.96 10.48 -17.87
N GLY B 100 -3.04 9.15 -17.91
CA GLY B 100 -2.68 8.38 -19.08
C GLY B 100 -1.20 8.20 -19.29
N ILE B 101 -0.38 8.40 -18.26
CA ILE B 101 1.05 8.39 -18.45
C ILE B 101 1.59 6.97 -18.47
N GLY B 102 2.64 6.78 -19.25
CA GLY B 102 3.14 5.46 -19.53
C GLY B 102 4.42 5.50 -20.32
N GLU B 103 4.76 4.35 -20.94
CA GLU B 103 6.02 4.13 -21.68
C GLU B 103 6.26 5.27 -22.66
N GLY B 104 7.51 5.73 -22.75
CA GLY B 104 7.88 6.80 -23.66
C GLY B 104 7.61 8.22 -23.18
N ASP B 105 6.87 8.39 -22.08
CA ASP B 105 6.65 9.72 -21.49
C ASP B 105 7.78 10.16 -20.57
N GLU B 106 7.95 11.48 -20.51
CA GLU B 106 8.83 12.13 -19.56
C GLU B 106 8.00 12.96 -18.59
N VAL B 107 8.46 13.00 -17.36
CA VAL B 107 7.78 13.76 -16.32
C VAL B 107 8.85 14.57 -15.61
N ILE B 108 8.61 15.89 -15.50
CA ILE B 108 9.58 16.79 -14.92
C ILE B 108 9.38 16.88 -13.39
N VAL B 109 10.48 16.71 -12.68
CA VAL B 109 10.49 16.69 -11.25
C VAL B 109 11.74 17.46 -10.74
N PRO B 110 11.66 17.98 -9.52
CA PRO B 110 12.82 18.67 -8.95
C PRO B 110 13.94 17.71 -8.53
N SER B 111 15.16 18.19 -8.67
CA SER B 111 16.31 17.46 -8.25
C SER B 111 16.34 17.31 -6.73
N LEU B 112 15.86 18.32 -6.00
CA LEU B 112 15.84 18.23 -4.54
C LEU B 112 14.44 17.90 -4.03
N THR B 113 14.29 16.64 -3.65
CA THR B 113 13.07 16.11 -3.07
C THR B 113 13.38 14.72 -2.52
N TRP B 114 12.40 14.16 -1.83
CA TRP B 114 12.48 12.77 -1.38
C TRP B 114 12.28 11.89 -2.62
N ILE B 115 13.03 10.78 -2.68
CA ILE B 115 13.10 10.00 -3.91
C ILE B 115 11.77 9.55 -4.46
N ALA B 116 10.75 9.36 -3.63
CA ALA B 116 9.43 8.95 -4.08
C ALA B 116 8.84 9.81 -5.24
N THR B 117 9.07 11.11 -5.21
CA THR B 117 8.65 11.97 -6.32
C THR B 117 9.12 11.42 -7.66
N ALA B 118 10.37 10.98 -7.69
CA ALA B 118 10.97 10.41 -8.91
C ALA B 118 10.56 8.98 -9.20
N THR B 119 10.53 8.12 -8.19
CA THR B 119 10.32 6.68 -8.40
C THR B 119 8.86 6.40 -8.69
N ALA B 120 7.97 7.27 -8.26
CA ALA B 120 6.61 7.19 -8.72
C ALA B 120 6.53 7.24 -10.27
N VAL B 121 7.37 8.07 -10.88
CA VAL B 121 7.38 8.23 -12.33
C VAL B 121 7.90 6.92 -12.93
N LEU B 122 9.07 6.48 -12.46
CA LEU B 122 9.59 5.18 -12.89
C LEU B 122 8.57 4.04 -12.81
N ASN B 123 7.78 4.06 -11.73
CA ASN B 123 6.77 3.06 -11.44
C ASN B 123 5.60 2.99 -12.42
N VAL B 124 5.37 4.07 -13.17
CA VAL B 124 4.41 4.05 -14.28
C VAL B 124 5.07 3.95 -15.64
N ASN B 125 6.32 3.49 -15.65
CA ASN B 125 7.10 3.25 -16.87
C ASN B 125 7.49 4.52 -17.66
N ALA B 126 7.49 5.67 -16.99
CA ALA B 126 7.94 6.94 -17.58
C ALA B 126 9.36 7.29 -17.06
N LEU B 127 10.01 8.25 -17.74
CA LEU B 127 11.33 8.74 -17.32
C LEU B 127 11.19 10.03 -16.52
N PRO B 128 11.68 10.05 -15.29
CA PRO B 128 11.74 11.33 -14.60
C PRO B 128 12.90 12.18 -15.15
N VAL B 129 12.61 13.45 -15.44
CA VAL B 129 13.60 14.39 -15.98
C VAL B 129 13.81 15.48 -14.96
N PHE B 130 15.03 15.57 -14.43
CA PHE B 130 15.25 16.45 -13.26
C PHE B 130 15.45 17.89 -13.70
N VAL B 131 15.04 18.80 -12.83
CA VAL B 131 15.26 20.24 -12.97
C VAL B 131 15.72 20.73 -11.59
N ASP B 132 16.65 21.67 -11.62
CA ASP B 132 17.24 22.20 -10.41
C ASP B 132 16.22 23.10 -9.71
N VAL B 133 16.53 23.45 -8.49
CA VAL B 133 15.64 24.23 -7.65
C VAL B 133 16.14 25.70 -7.49
N GLU B 134 15.22 26.58 -7.10
CA GLU B 134 15.59 27.94 -6.70
C GLU B 134 16.36 27.91 -5.38
N ALA B 135 17.35 28.77 -5.27
CA ALA B 135 18.21 28.86 -4.13
C ALA B 135 17.53 29.35 -2.83
N ASP B 136 16.45 30.10 -2.96
CA ASP B 136 15.79 30.67 -1.80
C ASP B 136 14.53 29.92 -1.34
N THR B 137 14.01 29.05 -2.17
CA THR B 137 12.86 28.22 -1.82
C THR B 137 13.16 26.71 -1.83
N TYR B 138 14.24 26.31 -2.48
CA TYR B 138 14.47 24.90 -2.80
C TYR B 138 13.28 24.21 -3.52
N CYS B 139 12.41 24.98 -4.17
CA CYS B 139 11.34 24.41 -4.98
C CYS B 139 11.80 24.50 -6.41
N ILE B 140 11.20 23.65 -7.25
CA ILE B 140 11.58 23.57 -8.66
C ILE B 140 11.60 24.98 -9.30
N ASP B 141 12.72 25.29 -9.95
CA ASP B 141 12.97 26.57 -10.59
C ASP B 141 12.23 26.66 -11.93
N PRO B 142 11.19 27.50 -11.95
CA PRO B 142 10.41 27.57 -13.18
C PRO B 142 11.19 27.98 -14.43
N GLN B 143 12.26 28.77 -14.25
CA GLN B 143 13.13 29.23 -15.34
C GLN B 143 13.99 28.18 -15.94
N LEU B 144 14.09 27.02 -15.33
CA LEU B 144 14.87 25.94 -15.90
C LEU B 144 13.95 24.89 -16.51
N ILE B 145 12.64 25.02 -16.32
CA ILE B 145 11.71 23.94 -16.72
C ILE B 145 11.63 23.87 -18.25
N LYS B 146 11.36 25.02 -18.85
CA LYS B 146 11.26 25.15 -20.30
C LYS B 146 12.38 24.42 -21.06
N SER B 147 13.61 24.57 -20.58
CA SER B 147 14.75 24.02 -21.25
C SER B 147 14.76 22.49 -21.18
N ALA B 148 14.09 21.89 -20.21
CA ALA B 148 14.00 20.40 -20.11
C ALA B 148 12.84 19.78 -20.88
N ILE B 149 11.86 20.61 -21.29
CA ILE B 149 10.67 20.15 -22.02
C ILE B 149 11.08 19.51 -23.35
N THR B 150 10.48 18.36 -23.72
CA THR B 150 10.76 17.67 -24.98
C THR B 150 9.43 17.18 -25.54
N ASP B 151 9.47 16.53 -26.71
CA ASP B 151 8.32 15.83 -27.32
C ASP B 151 7.60 14.86 -26.40
N LYS B 152 8.38 14.22 -25.54
CA LYS B 152 7.90 13.21 -24.60
C LYS B 152 7.32 13.77 -23.29
N THR B 153 7.57 15.03 -23.00
CA THR B 153 7.13 15.58 -21.71
C THR B 153 5.60 15.61 -21.64
N LYS B 154 5.04 15.04 -20.58
CA LYS B 154 3.62 15.02 -20.40
C LYS B 154 3.14 15.68 -19.13
N ALA B 155 4.06 15.91 -18.17
CA ALA B 155 3.69 16.51 -16.92
C ALA B 155 4.86 17.02 -16.12
N ILE B 156 4.54 17.81 -15.09
CA ILE B 156 5.50 18.39 -14.17
C ILE B 156 4.99 18.03 -12.77
N ILE B 157 5.88 17.62 -11.88
CA ILE B 157 5.53 17.37 -10.49
C ILE B 157 6.32 18.36 -9.66
N PRO B 158 5.75 19.56 -9.40
CA PRO B 158 6.34 20.44 -8.39
C PRO B 158 6.11 19.91 -6.98
N VAL B 159 7.06 20.18 -6.09
CA VAL B 159 7.04 19.72 -4.73
C VAL B 159 7.01 20.97 -3.87
N HIS B 160 6.08 21.03 -2.94
CA HIS B 160 6.05 22.11 -1.95
C HIS B 160 6.97 21.70 -0.83
N LEU B 161 8.27 21.83 -1.09
CA LEU B 161 9.30 21.21 -0.27
C LEU B 161 9.51 21.92 1.08
N PHE B 162 9.52 21.10 2.13
CA PHE B 162 9.90 21.50 3.51
C PHE B 162 8.95 22.49 4.17
N GLY B 163 9.06 23.75 3.78
CA GLY B 163 8.21 24.81 4.30
C GLY B 163 8.08 25.94 3.31
N SER B 164 7.95 25.61 2.02
CA SER B 164 7.76 26.59 0.95
CA SER B 164 7.75 26.59 0.95
C SER B 164 6.77 25.97 -0.04
N MET B 165 6.46 26.73 -1.09
CA MET B 165 5.60 26.30 -2.16
C MET B 165 6.25 26.66 -3.46
N ALA B 166 6.31 25.71 -4.39
CA ALA B 166 6.65 25.98 -5.77
C ALA B 166 5.76 27.03 -6.40
N ASN B 167 6.33 27.71 -7.36
CA ASN B 167 5.67 28.84 -7.99
C ASN B 167 4.62 28.35 -8.97
N MET B 168 3.41 28.22 -8.44
CA MET B 168 2.30 27.70 -9.21
C MET B 168 1.79 28.62 -10.33
N ASP B 169 1.90 29.94 -10.14
CA ASP B 169 1.56 30.87 -11.23
C ASP B 169 2.43 30.58 -12.46
N GLU B 170 3.75 30.66 -12.31
CA GLU B 170 4.68 30.44 -13.42
C GLU B 170 4.60 29.03 -13.99
N ILE B 171 4.51 28.04 -13.09
CA ILE B 171 4.46 26.62 -13.44
C ILE B 171 3.18 26.28 -14.20
N ASN B 172 2.03 26.75 -13.74
CA ASN B 172 0.81 26.59 -14.53
C ASN B 172 0.84 27.30 -15.88
N GLU B 173 1.51 28.42 -15.97
CA GLU B 173 1.61 29.09 -17.24
C GLU B 173 2.45 28.29 -18.25
N ILE B 174 3.59 27.79 -17.76
CA ILE B 174 4.44 26.92 -18.58
C ILE B 174 3.64 25.67 -19.02
N ALA B 175 2.98 25.00 -18.09
CA ALA B 175 2.17 23.81 -18.42
C ALA B 175 1.05 24.10 -19.43
N GLN B 176 0.32 25.19 -19.23
CA GLN B 176 -0.78 25.51 -20.14
C GLN B 176 -0.24 25.73 -21.55
N GLU B 177 0.95 26.33 -21.65
CA GLU B 177 1.54 26.66 -22.93
C GLU B 177 2.11 25.46 -23.64
N HIS B 178 2.59 24.47 -22.88
CA HIS B 178 3.11 23.25 -23.47
C HIS B 178 2.24 22.04 -23.33
N ASN B 179 0.99 22.22 -22.93
CA ASN B 179 0.09 21.09 -22.95
C ASN B 179 0.43 19.99 -21.93
N LEU B 180 0.88 20.38 -20.75
CA LEU B 180 1.38 19.41 -19.79
C LEU B 180 0.44 19.44 -18.61
N PHE B 181 0.30 18.30 -17.94
CA PHE B 181 -0.44 18.30 -16.70
C PHE B 181 0.49 18.69 -15.54
N VAL B 182 -0.12 19.02 -14.43
CA VAL B 182 0.59 19.40 -13.23
C VAL B 182 0.03 18.60 -12.04
N ILE B 183 0.93 17.84 -11.41
CA ILE B 183 0.62 17.11 -10.20
C ILE B 183 1.42 17.78 -9.11
N GLU B 184 0.73 18.35 -8.13
CA GLU B 184 1.36 18.88 -6.94
C GLU B 184 1.67 17.78 -5.91
N ASP B 185 2.94 17.64 -5.56
CA ASP B 185 3.35 16.81 -4.45
C ASP B 185 3.31 17.67 -3.17
N CYS B 186 2.23 17.48 -2.41
CA CYS B 186 1.93 18.21 -1.18
C CYS B 186 2.27 17.46 0.05
N ALA B 187 3.13 16.44 -0.06
CA ALA B 187 3.44 15.61 1.09
C ALA B 187 4.00 16.37 2.29
N GLN B 188 4.61 17.54 2.04
CA GLN B 188 5.25 18.34 3.09
C GLN B 188 4.55 19.69 3.26
N SER B 189 3.31 19.80 2.81
CA SER B 189 2.64 21.10 2.82
C SER B 189 1.14 21.08 2.93
N HIS B 190 0.63 20.12 3.70
CA HIS B 190 -0.81 19.96 3.91
C HIS B 190 -1.37 21.29 4.45
N GLY B 191 -2.30 21.89 3.72
CA GLY B 191 -2.96 23.12 4.13
C GLY B 191 -2.30 24.44 3.78
N SER B 192 -1.21 24.41 3.03
CA SER B 192 -0.61 25.66 2.55
C SER B 192 -1.58 26.37 1.60
N VAL B 193 -1.47 27.70 1.56
CA VAL B 193 -2.39 28.54 0.81
C VAL B 193 -1.62 29.48 -0.10
N TRP B 194 -1.85 29.35 -1.41
CA TRP B 194 -1.21 30.16 -2.43
C TRP B 194 -2.29 30.90 -3.22
N ASN B 195 -2.30 32.23 -3.13
CA ASN B 195 -3.35 33.02 -3.78
C ASN B 195 -4.73 32.44 -3.54
N ASN B 196 -5.01 32.28 -2.25
CA ASN B 196 -6.29 31.83 -1.78
C ASN B 196 -6.71 30.40 -2.08
N GLN B 197 -5.78 29.59 -2.58
CA GLN B 197 -6.07 28.23 -2.99
C GLN B 197 -5.20 27.30 -2.14
N ARG B 198 -5.80 26.27 -1.57
CA ARG B 198 -5.02 25.33 -0.74
C ARG B 198 -4.06 24.53 -1.65
N ALA B 199 -2.88 24.21 -1.12
CA ALA B 199 -1.92 23.33 -1.81
C ALA B 199 -2.61 22.01 -2.20
N GLY B 200 -2.43 21.65 -3.47
CA GLY B 200 -3.02 20.45 -4.05
C GLY B 200 -4.18 20.69 -4.98
N THR B 201 -4.73 21.90 -4.85
CA THR B 201 -5.94 22.35 -5.51
C THR B 201 -5.64 23.07 -6.81
N ILE B 202 -4.38 23.40 -7.04
CA ILE B 202 -3.98 24.37 -8.07
C ILE B 202 -3.55 23.74 -9.37
N GLY B 203 -2.85 22.61 -9.32
CA GLY B 203 -2.66 21.77 -10.52
C GLY B 203 -3.88 20.89 -10.83
N ASP B 204 -3.69 19.99 -11.77
CA ASP B 204 -4.74 19.07 -12.18
C ASP B 204 -5.10 18.07 -11.05
N ILE B 205 -4.08 17.58 -10.37
CA ILE B 205 -4.23 16.62 -9.26
C ILE B 205 -3.23 16.99 -8.13
N GLY B 206 -3.65 16.80 -6.89
CA GLY B 206 -2.82 17.00 -5.72
C GLY B 206 -2.63 15.70 -4.95
N ALA B 207 -1.37 15.40 -4.57
CA ALA B 207 -0.98 14.14 -3.95
C ALA B 207 -0.36 14.39 -2.55
N PHE B 208 -0.72 13.58 -1.56
CA PHE B 208 -0.30 13.80 -0.17
C PHE B 208 0.15 12.51 0.51
N SER B 209 1.17 12.59 1.36
CA SER B 209 1.54 11.50 2.25
C SER B 209 0.96 11.78 3.63
N CYS B 210 0.62 10.72 4.36
CA CYS B 210 0.29 10.79 5.79
C CYS B 210 1.18 9.85 6.61
N GLN B 211 2.41 9.70 6.15
CA GLN B 211 3.41 8.95 6.86
C GLN B 211 3.70 9.66 8.20
N GLN B 212 4.21 8.91 9.18
CA GLN B 212 4.39 9.41 10.58
C GLN B 212 4.91 10.84 10.73
N GLY B 213 5.98 11.15 10.04
CA GLY B 213 6.58 12.44 10.16
C GLY B 213 5.75 13.61 9.72
N LYS B 214 4.77 13.38 8.87
CA LYS B 214 4.06 14.47 8.21
C LYS B 214 3.14 15.16 9.20
N VAL B 215 2.67 16.33 8.80
CA VAL B 215 1.81 17.12 9.68
C VAL B 215 0.44 16.50 9.83
N LEU B 216 -0.05 15.81 8.81
CA LEU B 216 -1.27 15.02 8.94
C LEU B 216 -0.90 13.55 8.83
N THR B 217 -1.10 12.76 9.89
CA THR B 217 -0.60 11.38 9.85
C THR B 217 -1.46 10.29 10.52
N ALA B 218 -1.44 9.08 9.98
CA ALA B 218 -1.96 7.90 10.59
C ALA B 218 -0.89 6.80 10.55
N GLY B 219 0.40 7.18 10.61
CA GLY B 219 1.50 6.21 10.57
C GLY B 219 1.90 6.03 9.12
N GLU B 220 0.94 5.58 8.32
CA GLU B 220 1.05 5.49 6.87
C GLU B 220 -0.27 6.04 6.33
N GLY B 221 -0.23 6.60 5.14
CA GLY B 221 -1.45 6.98 4.45
C GLY B 221 -1.22 7.81 3.24
N GLY B 222 -2.20 7.84 2.35
CA GLY B 222 -2.11 8.65 1.14
C GLY B 222 -3.38 9.43 0.91
N ILE B 223 -3.24 10.59 0.28
CA ILE B 223 -4.41 11.29 -0.20
C ILE B 223 -4.25 11.88 -1.60
N ILE B 224 -5.30 11.77 -2.37
CA ILE B 224 -5.45 12.48 -3.64
C ILE B 224 -6.61 13.47 -3.57
N VAL B 225 -6.39 14.70 -4.09
CA VAL B 225 -7.48 15.61 -4.44
C VAL B 225 -7.42 16.14 -5.89
N THR B 226 -8.58 16.62 -6.36
CA THR B 226 -8.73 17.09 -7.76
C THR B 226 -10.06 17.87 -7.88
N LYS B 227 -10.12 18.76 -8.84
CA LYS B 227 -11.36 19.48 -9.15
C LYS B 227 -12.10 18.80 -10.29
N ASN B 228 -11.44 17.85 -10.95
CA ASN B 228 -11.92 17.25 -12.14
C ASN B 228 -12.71 15.96 -11.87
N PRO B 229 -14.00 15.91 -12.24
CA PRO B 229 -14.79 14.76 -11.84
C PRO B 229 -14.43 13.47 -12.62
N ARG B 230 -13.89 13.62 -13.83
CA ARG B 230 -13.49 12.43 -14.57
C ARG B 230 -12.31 11.73 -13.85
N LEU B 231 -11.36 12.57 -13.42
CA LEU B 231 -10.20 12.09 -12.67
C LEU B 231 -10.57 11.43 -11.31
N PHE B 232 -11.56 12.00 -10.64
CA PHE B 232 -12.11 11.44 -9.41
C PHE B 232 -12.50 9.97 -9.59
N GLU B 233 -13.25 9.67 -10.66
CA GLU B 233 -13.70 8.30 -11.00
C GLU B 233 -12.56 7.36 -11.31
N LEU B 234 -11.65 7.84 -12.14
CA LEU B 234 -10.53 7.03 -12.55
C LEU B 234 -9.67 6.74 -11.33
N ILE B 235 -9.43 7.73 -10.47
CA ILE B 235 -8.61 7.48 -9.26
C ILE B 235 -9.28 6.43 -8.34
N GLN B 236 -10.59 6.47 -8.14
CA GLN B 236 -11.26 5.40 -7.37
C GLN B 236 -10.96 4.03 -7.93
N GLN B 237 -11.05 3.92 -9.24
CA GLN B 237 -10.89 2.64 -9.90
C GLN B 237 -9.46 2.18 -9.79
N LEU B 238 -8.52 3.12 -9.88
CA LEU B 238 -7.11 2.77 -9.79
C LEU B 238 -6.68 2.16 -8.44
N ARG B 239 -7.34 2.58 -7.38
CA ARG B 239 -6.99 2.19 -6.06
C ARG B 239 -7.95 1.14 -5.52
N ALA B 240 -8.98 0.73 -6.29
CA ALA B 240 -9.93 -0.31 -5.83
C ALA B 240 -10.22 -1.44 -6.86
N ASP B 241 -9.18 -1.91 -7.56
CA ASP B 241 -9.34 -3.07 -8.42
C ASP B 241 -10.50 -2.82 -9.40
N SER B 242 -10.53 -1.60 -9.95
CA SER B 242 -11.38 -1.21 -11.08
C SER B 242 -12.80 -0.90 -10.68
N ARG B 243 -13.02 -0.56 -9.41
CA ARG B 243 -14.36 -0.30 -8.87
C ARG B 243 -14.57 1.16 -8.46
N VAL B 244 -15.84 1.57 -8.39
CA VAL B 244 -16.17 2.92 -7.87
C VAL B 244 -17.13 2.71 -6.72
N TYR B 245 -17.46 3.79 -6.02
CA TYR B 245 -18.58 3.74 -5.09
C TYR B 245 -19.91 3.47 -5.75
N CYS B 246 -20.83 2.91 -4.98
CA CYS B 246 -22.18 2.71 -5.46
C CYS B 246 -22.80 4.10 -5.65
N ASP B 247 -23.91 4.18 -6.36
CA ASP B 247 -24.54 5.49 -6.67
C ASP B 247 -25.02 6.20 -5.45
N ASP B 248 -25.59 5.46 -4.50
CA ASP B 248 -26.23 6.04 -3.32
C ASP B 248 -26.07 5.18 -2.04
N SER B 249 -25.11 5.56 -1.18
CA SER B 249 -24.93 4.97 0.16
C SER B 249 -26.26 4.81 0.92
N SER B 250 -27.12 5.81 0.79
CA SER B 250 -28.34 5.89 1.58
C SER B 250 -29.28 4.71 1.31
N GLU B 251 -29.19 4.08 0.14
CA GLU B 251 -30.02 2.89 -0.16
C GLU B 251 -29.33 1.53 0.09
N LEU B 252 -28.12 1.56 0.68
CA LEU B 252 -27.43 0.32 1.04
C LEU B 252 -28.03 -0.26 2.32
N MET B 253 -28.14 -1.57 2.33
CA MET B 253 -28.58 -2.34 3.47
C MET B 253 -27.36 -2.98 4.09
N HIS B 254 -27.46 -3.27 5.39
CA HIS B 254 -26.46 -4.03 6.06
C HIS B 254 -26.18 -5.27 5.20
N GLY B 255 -24.91 -5.52 4.93
CA GLY B 255 -24.48 -6.67 4.14
C GLY B 255 -24.13 -6.39 2.71
N ASP B 256 -24.59 -5.26 2.20
CA ASP B 256 -24.39 -4.87 0.81
C ASP B 256 -22.97 -4.31 0.56
N MET B 257 -22.47 -4.53 -0.64
CA MET B 257 -21.20 -3.94 -1.04
C MET B 257 -21.38 -2.47 -1.39
N GLN B 258 -20.52 -1.62 -0.85
CA GLN B 258 -20.47 -0.19 -1.20
C GLN B 258 -19.64 0.07 -2.46
N LEU B 259 -18.57 -0.73 -2.65
CA LEU B 259 -17.77 -0.74 -3.89
C LEU B 259 -18.42 -1.62 -4.98
N VAL B 260 -18.52 -1.09 -6.20
CA VAL B 260 -19.14 -1.83 -7.31
C VAL B 260 -18.28 -1.69 -8.55
N LYS B 261 -18.52 -2.59 -9.48
CA LYS B 261 -17.70 -2.68 -10.66
C LYS B 261 -17.84 -1.45 -11.53
N LYS B 262 -16.75 -1.12 -12.22
CA LYS B 262 -16.81 -0.11 -13.27
C LYS B 262 -15.98 -0.54 -14.45
N GLY B 263 -14.69 -0.76 -14.23
CA GLY B 263 -13.85 -1.30 -15.29
C GLY B 263 -13.61 -0.37 -16.46
N ASP B 264 -13.66 0.95 -16.25
CA ASP B 264 -13.19 1.90 -17.29
C ASP B 264 -11.67 2.00 -17.27
N ILE B 265 -11.09 1.78 -16.10
CA ILE B 265 -9.66 1.74 -15.99
C ILE B 265 -9.27 0.71 -14.94
N GLN B 266 -8.25 -0.07 -15.31
CA GLN B 266 -7.74 -1.14 -14.47
C GLN B 266 -7.06 -0.57 -13.24
N GLY B 267 -7.51 -1.01 -12.07
CA GLY B 267 -6.79 -0.69 -10.82
C GLY B 267 -6.24 -1.90 -10.07
N SER B 268 -5.58 -1.61 -8.96
CA SER B 268 -5.19 -2.60 -7.99
C SER B 268 -5.70 -2.12 -6.62
N ASN B 269 -5.39 -2.87 -5.57
CA ASN B 269 -5.89 -2.52 -4.24
C ASN B 269 -4.90 -1.58 -3.62
N TYR B 270 -5.28 -0.31 -3.55
CA TYR B 270 -4.57 0.69 -2.74
C TYR B 270 -5.57 1.39 -1.87
N CYS B 271 -6.34 0.60 -1.13
CA CYS B 271 -7.36 1.12 -0.22
C CYS B 271 -6.77 1.37 1.18
N LEU B 272 -7.17 2.48 1.79
CA LEU B 272 -6.74 2.81 3.13
C LEU B 272 -7.58 2.04 4.11
N SER B 273 -6.96 1.54 5.19
CA SER B 273 -7.70 0.86 6.24
C SER B 273 -8.59 1.87 6.96
N GLU B 274 -9.76 1.39 7.37
CA GLU B 274 -10.68 2.21 8.16
C GLU B 274 -10.08 2.78 9.46
N PHE B 275 -9.14 2.04 10.05
CA PHE B 275 -8.41 2.49 11.22
C PHE B 275 -7.59 3.76 10.93
N GLN B 276 -6.93 3.76 9.78
CA GLN B 276 -6.14 4.90 9.38
C GLN B 276 -7.03 6.08 9.00
N SER B 277 -8.10 5.83 8.26
CA SER B 277 -9.02 6.92 7.87
C SER B 277 -9.62 7.58 9.11
N ALA B 278 -9.92 6.76 10.10
CA ALA B 278 -10.44 7.26 11.36
C ALA B 278 -9.44 8.15 12.08
N ILE B 279 -8.18 7.76 12.14
CA ILE B 279 -7.15 8.57 12.82
C ILE B 279 -7.01 9.88 12.05
N LEU B 280 -7.03 9.83 10.72
CA LEU B 280 -6.89 11.08 9.94
C LEU B 280 -8.03 12.06 10.22
N LEU B 281 -9.22 11.51 10.47
CA LEU B 281 -10.38 12.33 10.77
C LEU B 281 -10.12 13.04 12.08
N ASP B 282 -9.61 12.33 13.07
CA ASP B 282 -9.20 12.95 14.32
C ASP B 282 -8.15 14.03 14.09
N GLN B 283 -7.09 13.69 13.36
CA GLN B 283 -5.89 14.54 13.31
C GLN B 283 -6.17 15.78 12.52
N LEU B 284 -6.98 15.64 11.49
CA LEU B 284 -7.38 16.75 10.65
C LEU B 284 -7.94 17.89 11.49
N GLN B 285 -8.69 17.58 12.54
CA GLN B 285 -9.36 18.63 13.32
C GLN B 285 -8.44 19.70 13.91
N GLU B 286 -7.23 19.30 14.26
CA GLU B 286 -6.23 20.16 14.86
C GLU B 286 -5.18 20.65 13.84
N LEU B 287 -5.40 20.42 12.54
CA LEU B 287 -4.38 20.73 11.53
C LEU B 287 -4.10 22.24 11.37
N ASP B 288 -5.12 23.04 11.09
CA ASP B 288 -4.94 24.48 10.98
C ASP B 288 -4.37 25.13 12.23
N ASP B 289 -4.79 24.67 13.40
CA ASP B 289 -4.25 25.21 14.66
C ASP B 289 -2.77 24.96 14.82
N LYS B 290 -2.40 23.69 14.73
CA LYS B 290 -0.99 23.33 14.83
C LYS B 290 -0.15 23.92 13.71
N ASN B 291 -0.70 24.05 12.51
CA ASN B 291 0.02 24.74 11.44
C ASN B 291 0.35 26.21 11.74
N ALA B 292 -0.58 26.92 12.37
CA ALA B 292 -0.37 28.32 12.74
C ALA B 292 0.69 28.40 13.84
N ILE B 293 0.63 27.50 14.81
CA ILE B 293 1.67 27.43 15.84
C ILE B 293 3.05 27.24 15.20
N ARG B 294 3.17 26.31 14.26
CA ARG B 294 4.43 26.02 13.54
C ARG B 294 4.91 27.25 12.80
N GLU B 295 4.00 27.84 12.04
CA GLU B 295 4.29 28.97 11.19
C GLU B 295 4.82 30.15 12.00
N LYS B 296 4.16 30.44 13.12
CA LYS B 296 4.59 31.54 13.99
C LYS B 296 5.93 31.27 14.56
N ASN B 297 6.19 30.02 14.95
CA ASN B 297 7.52 29.66 15.42
C ASN B 297 8.59 29.65 14.35
N ALA B 298 8.24 29.35 13.09
CA ALA B 298 9.18 29.53 11.98
C ALA B 298 9.63 31.01 11.92
N MET B 299 8.66 31.88 12.15
CA MET B 299 8.85 33.32 12.10
C MET B 299 9.83 33.80 13.15
N PHE B 300 9.52 33.45 14.41
CA PHE B 300 10.45 33.63 15.53
C PHE B 300 11.85 33.32 15.05
N LEU B 301 12.03 32.10 14.52
CA LEU B 301 13.35 31.59 14.18
C LEU B 301 14.00 32.33 13.03
N ASN B 302 13.21 32.75 12.04
CA ASN B 302 13.75 33.55 10.97
C ASN B 302 14.32 34.85 11.53
N ASP B 303 13.53 35.50 12.38
CA ASP B 303 13.95 36.72 13.05
C ASP B 303 15.28 36.52 13.80
N ALA B 304 15.29 35.50 14.66
CA ALA B 304 16.45 35.14 15.45
C ALA B 304 17.65 34.81 14.58
N LEU B 305 17.53 33.74 13.79
CA LEU B 305 18.68 33.16 13.09
C LEU B 305 19.29 34.10 12.02
N SER B 306 18.48 34.94 11.40
CA SER B 306 18.98 35.85 10.35
C SER B 306 19.99 36.90 10.90
N LYS B 307 19.85 37.24 12.19
CA LYS B 307 20.81 38.09 12.89
C LYS B 307 22.19 37.44 13.10
N ILE B 308 22.35 36.14 12.89
CA ILE B 308 23.68 35.53 12.96
C ILE B 308 24.32 35.61 11.58
N ASP B 309 25.62 35.88 11.56
CA ASP B 309 26.37 36.18 10.35
C ASP B 309 26.73 34.89 9.62
N GLY B 310 26.45 34.83 8.31
CA GLY B 310 26.58 33.59 7.55
C GLY B 310 25.49 32.54 7.82
N ILE B 311 24.28 32.99 8.13
CA ILE B 311 23.10 32.11 8.27
C ILE B 311 21.99 32.69 7.42
N LYS B 312 21.58 31.98 6.37
CA LYS B 312 20.51 32.49 5.53
C LYS B 312 19.24 31.67 5.72
N VAL B 313 18.12 32.35 5.81
CA VAL B 313 16.82 31.72 5.95
C VAL B 313 16.14 31.77 4.60
N MET B 314 15.11 30.96 4.42
CA MET B 314 14.42 30.82 3.14
C MET B 314 13.56 32.03 2.91
N LYS B 315 13.26 32.28 1.65
CA LYS B 315 12.41 33.41 1.26
C LYS B 315 10.99 32.97 0.90
N ARG B 316 10.03 33.53 1.63
CA ARG B 316 8.61 33.25 1.48
C ARG B 316 8.06 33.94 0.25
N PRO B 317 7.46 33.19 -0.69
CA PRO B 317 6.82 33.87 -1.80
C PRO B 317 5.66 34.78 -1.33
N PRO B 318 5.49 35.97 -1.95
CA PRO B 318 4.33 36.84 -1.69
C PRO B 318 2.97 36.15 -1.69
N GLN B 319 2.79 35.23 -2.65
CA GLN B 319 1.51 34.53 -2.91
C GLN B 319 1.06 33.66 -1.73
N VAL B 320 2.00 33.24 -0.88
CA VAL B 320 1.71 32.37 0.25
C VAL B 320 1.16 33.15 1.43
N SER B 321 -0.11 32.95 1.77
CA SER B 321 -0.69 33.51 3.00
C SER B 321 -0.61 32.58 4.22
N ARG B 322 -0.56 31.28 4.00
CA ARG B 322 -0.47 30.31 5.08
C ARG B 322 0.54 29.30 4.64
N GLN B 323 1.58 29.11 5.44
CA GLN B 323 2.64 28.17 5.13
C GLN B 323 2.68 27.09 6.17
N THR B 324 2.68 25.86 5.66
CA THR B 324 2.83 24.69 6.44
C THR B 324 4.29 24.30 6.44
N TYR B 325 4.78 24.01 7.64
CA TYR B 325 6.14 23.57 7.88
C TYR B 325 6.13 22.13 8.31
N TYR B 326 6.65 21.31 7.42
CA TYR B 326 6.99 19.93 7.74
C TYR B 326 8.44 19.92 8.25
N GLY B 327 9.31 20.65 7.55
CA GLY B 327 10.70 20.87 7.96
C GLY B 327 11.00 22.37 7.92
N TYR B 328 11.67 22.86 8.95
CA TYR B 328 12.09 24.26 8.97
C TYR B 328 13.55 24.24 8.53
N VAL B 329 13.89 25.10 7.56
CA VAL B 329 15.21 25.01 6.88
C VAL B 329 15.98 26.33 7.01
N PHE B 330 17.24 26.25 7.41
CA PHE B 330 18.12 27.41 7.24
C PHE B 330 19.44 26.98 6.63
N ARG B 331 20.15 27.96 6.08
CA ARG B 331 21.45 27.69 5.44
C ARG B 331 22.58 28.35 6.16
N PHE B 332 23.74 27.73 6.02
CA PHE B 332 24.95 28.22 6.64
C PHE B 332 26.06 28.37 5.58
N ASP B 333 26.91 29.35 5.81
CA ASP B 333 28.10 29.56 5.03
C ASP B 333 29.24 28.73 5.63
N PRO B 334 29.69 27.66 4.94
CA PRO B 334 30.82 26.89 5.49
C PRO B 334 32.11 27.70 5.77
N VAL B 335 32.32 28.80 5.03
CA VAL B 335 33.47 29.71 5.25
C VAL B 335 33.41 30.35 6.66
N LYS B 336 32.23 30.58 7.21
CA LYS B 336 32.10 31.15 8.56
C LYS B 336 31.80 30.12 9.65
N PHE B 337 31.89 28.84 9.29
CA PHE B 337 31.70 27.75 10.27
C PHE B 337 32.78 26.69 10.02
N GLY B 338 34.00 27.16 9.78
CA GLY B 338 35.21 26.34 9.71
C GLY B 338 35.21 25.21 8.69
N GLY B 339 34.59 25.43 7.54
CA GLY B 339 34.41 24.38 6.57
C GLY B 339 33.53 23.22 6.98
N LEU B 340 32.73 23.33 8.03
CA LEU B 340 31.74 22.25 8.34
C LEU B 340 30.82 21.97 7.14
N ASN B 341 30.58 20.69 6.86
CA ASN B 341 29.46 20.31 6.02
C ASN B 341 28.28 20.09 6.93
N ALA B 342 27.09 20.06 6.33
CA ALA B 342 25.85 19.95 7.09
C ALA B 342 25.72 18.63 7.87
N ASP B 343 26.32 17.54 7.38
CA ASP B 343 26.37 16.28 8.15
C ASP B 343 27.02 16.56 9.52
N GLN B 344 28.16 17.24 9.49
CA GLN B 344 28.91 17.58 10.72
C GLN B 344 28.28 18.65 11.57
N PHE B 345 27.79 19.69 10.90
CA PHE B 345 27.06 20.78 11.56
C PHE B 345 25.85 20.20 12.30
N CYS B 346 25.15 19.26 11.63
CA CYS B 346 24.00 18.57 12.25
C CYS B 346 24.43 17.61 13.36
N GLU B 347 25.54 16.89 13.20
CA GLU B 347 26.00 16.01 14.30
C GLU B 347 26.30 16.80 15.58
N ILE B 348 27.01 17.91 15.43
CA ILE B 348 27.20 18.87 16.51
C ILE B 348 25.89 19.38 17.13
N LEU B 349 24.97 19.88 16.32
CA LEU B 349 23.73 20.42 16.89
C LEU B 349 22.91 19.33 17.63
N ARG B 350 22.84 18.12 17.05
CA ARG B 350 22.19 16.97 17.71
C ARG B 350 22.78 16.58 19.08
N GLU B 351 24.11 16.68 19.21
CA GLU B 351 24.72 16.44 20.51
C GLU B 351 24.46 17.68 21.43
N LYS B 352 24.65 18.90 20.91
CA LYS B 352 24.38 20.09 21.72
C LYS B 352 22.93 20.22 22.14
N LEU B 353 21.98 19.70 21.36
CA LEU B 353 20.56 19.96 21.64
C LEU B 353 19.81 18.74 22.11
N ASN B 354 20.50 17.59 22.10
CA ASN B 354 19.92 16.37 22.58
C ASN B 354 18.65 16.00 21.76
N MET B 355 18.75 16.03 20.42
CA MET B 355 17.68 15.54 19.55
C MET B 355 18.25 14.66 18.47
N GLY B 356 17.48 13.66 18.06
CA GLY B 356 17.98 12.61 17.19
C GLY B 356 17.87 12.96 15.71
N THR B 357 18.30 12.00 14.88
CA THR B 357 18.44 12.19 13.41
C THR B 357 17.12 12.36 12.65
N PHE B 358 16.03 11.92 13.26
CA PHE B 358 14.69 12.24 12.77
C PHE B 358 14.35 13.72 12.95
N TYR B 359 14.83 14.31 14.02
CA TYR B 359 14.44 15.65 14.35
C TYR B 359 15.33 16.70 13.68
N LEU B 360 16.55 16.30 13.35
CA LEU B 360 17.57 17.22 12.87
C LEU B 360 18.53 16.48 11.93
N HIS B 361 18.69 17.03 10.72
CA HIS B 361 19.45 16.39 9.67
C HIS B 361 19.57 17.37 8.48
N PRO B 362 20.46 17.08 7.54
CA PRO B 362 20.52 17.90 6.32
C PRO B 362 19.41 17.53 5.36
N PRO B 363 19.17 18.37 4.35
CA PRO B 363 18.18 17.90 3.35
C PRO B 363 18.66 16.60 2.68
N TYR B 364 17.73 15.71 2.33
CA TYR B 364 17.98 14.67 1.31
C TYR B 364 19.09 15.07 0.36
N LEU B 365 20.02 14.16 0.10
CA LEU B 365 20.88 14.30 -1.05
C LEU B 365 19.98 14.42 -2.27
N PRO B 366 20.34 15.25 -3.26
CA PRO B 366 19.49 15.27 -4.44
C PRO B 366 19.32 13.86 -5.06
N VAL B 367 18.20 13.67 -5.74
CA VAL B 367 17.71 12.35 -6.04
C VAL B 367 18.77 11.59 -6.80
N HIS B 368 19.31 12.19 -7.87
CA HIS B 368 20.36 11.53 -8.67
C HIS B 368 21.64 11.15 -7.86
N LYS B 369 21.92 11.82 -6.74
CA LYS B 369 23.05 11.43 -5.89
C LYS B 369 22.65 10.56 -4.69
N ASN B 370 21.37 10.21 -4.56
CA ASN B 370 20.90 9.57 -3.36
C ASN B 370 21.06 8.09 -3.53
N PRO B 371 21.77 7.44 -2.59
CA PRO B 371 21.93 5.99 -2.75
C PRO B 371 20.63 5.18 -2.76
N LEU B 372 19.56 5.74 -2.22
CA LEU B 372 18.27 5.07 -2.27
C LEU B 372 17.68 5.03 -3.66
N PHE B 373 18.10 5.97 -4.52
CA PHE B 373 17.76 6.00 -5.93
C PHE B 373 18.76 5.18 -6.74
N CYS B 374 18.29 4.07 -7.30
CA CYS B 374 19.09 3.10 -7.99
C CYS B 374 18.28 2.24 -8.96
N PRO B 375 17.56 2.86 -9.89
CA PRO B 375 16.64 2.16 -10.79
C PRO B 375 17.26 1.07 -11.65
N TRP B 376 18.52 1.29 -12.06
CA TRP B 376 19.30 0.26 -12.77
C TRP B 376 19.33 -1.15 -12.12
N THR B 377 19.03 -1.24 -10.83
CA THR B 377 19.07 -2.50 -10.08
C THR B 377 17.86 -3.36 -10.30
N LYS B 378 16.84 -2.90 -11.02
CA LYS B 378 15.71 -3.79 -11.18
C LYS B 378 15.09 -3.94 -12.49
N ASN B 379 14.85 -5.21 -12.79
CA ASN B 379 14.33 -5.64 -14.08
C ASN B 379 12.97 -5.23 -14.47
N ARG B 380 12.13 -4.99 -13.48
CA ARG B 380 10.83 -4.42 -13.76
C ARG B 380 10.97 -3.21 -14.66
N TYR B 381 11.88 -2.31 -14.27
CA TYR B 381 12.04 -1.10 -15.04
C TYR B 381 12.61 -1.33 -16.45
N LEU B 382 12.10 -0.58 -17.41
CA LEU B 382 12.60 -0.64 -18.78
C LEU B 382 14.04 -0.17 -18.89
N LYS B 383 14.68 -0.75 -19.90
CA LYS B 383 16.09 -0.63 -20.16
C LYS B 383 16.37 0.83 -20.36
N SER B 384 15.52 1.44 -21.17
CA SER B 384 15.59 2.84 -21.49
C SER B 384 15.28 3.77 -20.35
N VAL B 385 14.67 3.35 -19.26
CA VAL B 385 14.54 4.31 -18.14
C VAL B 385 15.54 4.08 -17.05
N ARG B 386 16.15 2.93 -17.01
CA ARG B 386 17.08 2.71 -15.95
C ARG B 386 18.53 3.09 -16.31
N LYS B 387 18.86 3.29 -17.59
CA LYS B 387 20.10 3.92 -18.02
C LYS B 387 21.24 3.12 -17.44
N THR B 388 22.27 3.78 -16.90
CA THR B 388 23.23 3.16 -16.01
C THR B 388 23.45 3.99 -14.76
N GLU B 389 24.02 3.33 -13.80
CA GLU B 389 24.46 3.97 -12.58
C GLU B 389 25.27 5.24 -12.89
N ALA B 390 26.25 5.15 -13.80
CA ALA B 390 27.10 6.34 -14.13
C ALA B 390 26.27 7.44 -14.74
N TYR B 391 25.31 7.08 -15.56
CA TYR B 391 24.42 8.05 -16.18
C TYR B 391 23.78 8.96 -15.15
N TRP B 392 23.09 8.34 -14.19
CA TRP B 392 22.28 9.10 -13.26
C TRP B 392 23.16 9.86 -12.29
N ARG B 393 24.23 9.23 -11.84
CA ARG B 393 25.06 9.80 -10.75
C ARG B 393 25.89 10.97 -11.28
N GLY B 394 26.27 10.87 -12.55
CA GLY B 394 26.98 11.94 -13.22
C GLY B 394 26.17 13.16 -13.60
N LEU B 395 24.87 13.15 -13.41
CA LEU B 395 24.08 14.35 -13.62
C LEU B 395 24.54 15.43 -12.65
N HIS B 396 24.17 16.67 -12.92
CA HIS B 396 24.65 17.78 -12.15
C HIS B 396 23.53 18.78 -12.02
N TYR B 397 23.23 19.16 -10.80
CA TYR B 397 22.17 20.12 -10.49
C TYR B 397 22.74 20.91 -9.31
N PRO B 398 23.50 21.98 -9.60
CA PRO B 398 24.37 22.57 -8.58
C PRO B 398 23.63 23.25 -7.43
N VAL B 399 22.48 23.90 -7.67
CA VAL B 399 21.76 24.48 -6.53
C VAL B 399 21.38 23.35 -5.53
N SER B 400 20.81 22.25 -6.01
CA SER B 400 20.35 21.17 -5.14
C SER B 400 21.49 20.54 -4.39
N GLU B 401 22.61 20.35 -5.08
CA GLU B 401 23.79 19.72 -4.48
C GLU B 401 24.41 20.60 -3.38
N ARG B 402 24.50 21.91 -3.63
CA ARG B 402 24.95 22.85 -2.62
C ARG B 402 24.03 22.78 -1.38
N ALA B 403 22.72 22.86 -1.60
CA ALA B 403 21.72 22.96 -0.51
C ALA B 403 21.78 21.81 0.52
N SER B 404 21.92 20.62 -0.01
CA SER B 404 22.09 19.43 0.80
C SER B 404 23.33 19.50 1.69
N GLY B 405 24.39 20.10 1.13
CA GLY B 405 25.68 20.19 1.80
C GLY B 405 25.80 21.31 2.81
N GLN B 406 24.96 22.33 2.72
CA GLN B 406 25.05 23.49 3.62
C GLN B 406 23.67 24.02 4.16
N SER B 407 22.75 23.09 4.40
CA SER B 407 21.50 23.44 5.01
C SER B 407 21.22 22.51 6.17
N ILE B 408 20.44 23.01 7.12
CA ILE B 408 20.01 22.19 8.27
C ILE B 408 18.49 22.17 8.24
N VAL B 409 17.93 20.97 8.48
CA VAL B 409 16.51 20.75 8.50
C VAL B 409 16.07 20.38 9.92
N ILE B 410 15.14 21.18 10.45
CA ILE B 410 14.47 20.93 11.72
C ILE B 410 13.03 20.39 11.56
N HIS B 411 12.77 19.19 12.05
CA HIS B 411 11.45 18.61 11.97
C HIS B 411 10.42 19.46 12.69
N HIS B 412 9.21 19.48 12.15
CA HIS B 412 8.17 20.43 12.58
C HIS B 412 7.68 20.32 14.03
N ALA B 413 7.79 19.17 14.63
CA ALA B 413 7.44 19.01 16.04
C ALA B 413 8.23 19.92 16.95
N ILE B 414 9.43 20.30 16.54
CA ILE B 414 10.22 21.34 17.22
C ILE B 414 9.54 22.70 17.11
N LEU B 415 8.90 23.02 15.98
CA LEU B 415 8.09 24.23 15.87
C LEU B 415 6.80 24.23 16.73
N LEU B 416 6.56 23.16 17.46
CA LEU B 416 5.50 23.10 18.48
C LEU B 416 6.03 23.31 19.92
N ALA B 417 7.30 23.67 20.11
CA ALA B 417 7.79 23.87 21.47
C ALA B 417 7.52 25.30 21.92
N GLU B 418 7.87 25.58 23.17
CA GLU B 418 7.80 26.94 23.72
C GLU B 418 8.89 27.79 23.09
N PRO B 419 8.59 29.07 22.71
CA PRO B 419 9.65 29.90 22.08
C PRO B 419 10.94 30.03 22.91
N SER B 420 10.80 29.94 24.23
CA SER B 420 11.91 29.84 25.17
C SER B 420 12.78 28.61 24.94
N HIS B 421 12.14 27.49 24.61
CA HIS B 421 12.85 26.25 24.22
C HIS B 421 13.49 26.33 22.84
N LEU B 422 12.91 27.11 21.94
CA LEU B 422 13.49 27.37 20.63
C LEU B 422 14.74 28.23 20.70
N SER B 423 14.75 29.18 21.64
CA SER B 423 15.94 30.02 21.84
C SER B 423 17.20 29.20 22.09
N LEU B 424 17.08 28.00 22.65
CA LEU B 424 18.19 27.03 22.72
C LEU B 424 18.78 26.61 21.35
N LEU B 425 17.95 26.52 20.32
CA LEU B 425 18.44 26.31 18.96
C LEU B 425 19.26 27.51 18.51
N VAL B 426 18.66 28.69 18.63
CA VAL B 426 19.31 29.95 18.24
C VAL B 426 20.69 30.13 18.90
N ASP B 427 20.75 29.91 20.22
CA ASP B 427 22.01 30.06 20.98
C ASP B 427 23.05 29.04 20.52
N ALA B 428 22.64 27.78 20.37
CA ALA B 428 23.55 26.73 19.88
C ALA B 428 24.23 27.11 18.56
N VAL B 429 23.48 27.77 17.69
CA VAL B 429 24.01 28.22 16.43
C VAL B 429 24.80 29.54 16.59
N ALA B 430 24.33 30.45 17.44
CA ALA B 430 25.11 31.66 17.85
C ALA B 430 26.48 31.30 18.49
N GLU B 431 26.49 30.24 19.31
CA GLU B 431 27.75 29.69 19.88
C GLU B 431 28.68 29.10 18.83
N LEU B 432 28.13 28.46 17.81
CA LEU B 432 28.92 27.88 16.75
C LEU B 432 29.50 29.00 15.87
N ALA B 433 28.69 30.01 15.55
CA ALA B 433 29.15 31.19 14.82
C ALA B 433 30.32 31.85 15.54
N ARG B 434 30.07 32.21 16.80
CA ARG B 434 31.05 32.85 17.69
C ARG B 434 32.37 32.10 17.62
N LYS B 435 32.32 30.80 17.88
CA LYS B 435 33.52 29.97 17.88
C LYS B 435 34.32 30.11 16.57
N PHE B 436 33.65 29.96 15.43
CA PHE B 436 34.30 30.05 14.10
C PHE B 436 34.19 31.44 13.43
N CYS B 437 34.69 32.49 14.06
CA CYS B 437 34.47 33.85 13.53
C CYS B 437 35.40 34.27 12.36
N1 PLP C . -4.62 -13.14 -4.09
C2 PLP C . -5.79 -13.73 -3.72
C2A PLP C . -5.99 -15.20 -4.01
C3 PLP C . -6.86 -12.92 -3.01
O3 PLP C . -8.01 -13.47 -2.62
C4 PLP C . -6.64 -11.49 -2.71
C4A PLP C . -7.65 -10.53 -2.14
O4A PLP C . -8.90 -10.65 -2.25
C5 PLP C . -5.30 -10.99 -3.21
C6 PLP C . -4.37 -11.84 -3.85
C5A PLP C . -4.97 -9.53 -2.99
O4P PLP C . -4.97 -9.17 -1.58
P PLP C . -5.35 -7.66 -1.22
O1P PLP C . -5.00 -7.57 0.21
O2P PLP C . -4.51 -6.91 -2.25
O3P PLP C . -6.85 -7.47 -1.52
O2P 9YM D . 4.93 7.08 0.63
P 9YM D . 5.01 8.15 1.54
O3P 9YM D . 6.19 7.95 2.30
O1P 9YM D . 3.83 8.38 2.31
O4P 9YM D . 5.10 9.43 0.69
C5A 9YM D . 6.13 9.68 -0.22
C5 9YM D . 6.60 11.13 -0.36
C4 9YM D . 7.25 11.82 0.65
C4A 9YM D . 7.53 11.24 1.96
C3 9YM D . 7.73 13.21 0.46
O3 9YM D . 8.30 13.83 1.36
C2 9YM D . 7.44 13.75 -0.89
C2A 9YM D . 7.88 15.13 -1.24
N1 9YM D . 6.79 12.99 -1.79
C6 9YM D . 6.39 11.76 -1.57
OD4 9YM D . 11.91 8.67 6.16
CD4 9YM D . 11.22 9.19 5.04
CD5 9YM D . 9.74 8.86 5.09
OD5 9YM D . 9.60 7.50 5.14
CD6 9YM D . 8.96 9.37 3.91
OD6 9YM D . 7.62 9.27 4.29
CD3 9YM D . 11.31 10.71 5.00
ND3 9YM D . 12.66 11.18 4.99
CD2 9YM D . 10.65 11.30 3.79
CD1 9YM D . 9.23 10.85 3.58
ND1 9YM D . 8.71 11.31 2.30
CL CL E . 17.42 10.58 2.06
#